data_3TW8
#
_entry.id   3TW8
#
_cell.length_a   122.588
_cell.length_b   56.563
_cell.length_c   175.305
_cell.angle_alpha   90.00
_cell.angle_beta   95.63
_cell.angle_gamma   90.00
#
_symmetry.space_group_name_H-M   'C 1 2 1'
#
loop_
_entity.id
_entity.type
_entity.pdbx_description
1 polymer 'DENN domain-containing protein 1B'
2 polymer 'Ras-related protein Rab-35'
3 water water
#
loop_
_entity_poly.entity_id
_entity_poly.type
_entity_poly.pdbx_seq_one_letter_code
_entity_poly.pdbx_strand_id
1 'polypeptide(L)'
;SMDCRTKANPDRTFDLVLKVKCHASENEDPVVLWKFPEDFGDQEILQSVPKFCFPFDVERVSQNQVGQHFTFVLTDIESK
QRFGFCRLTSGGTICLCILSYLPWFEVYYKLLNTLADYLAKELENDLNETLRSLYNHPVPKANTPVNLSVHSYFIAPDVT
GLPTIPESRNLTEYFVAVDVNNMLQLYASMLHERRIVIISSKLSTLTACIHGSAALLYPMYWQHIYIPVLPPHLLDYCCA
PMPYLIGIHSSLIERVKNKSLEDVVMLNVDTNTLESPFSDLNNLPSDVVSALKNKLKKQSTATGDGVARAFLRAQAALFG
SYRDALRYKPGEPITFCEESFVKHRSSVMKQFLETAINLQLFKQFIDGRLAKLNAGRGFSDVFEEEITSGG
;
A,C
2 'polypeptide(L)'
;SMARDYDHLFKLLIIGDSGVGKSSLLLRFADNTFSGSYITTIGVDFKIRTVEINGEKVKLQIWDTAGQERFRTITSTYYR
GTHGVIVVYDVTSAESFVNVKRWLHEINQNCDDVCRILVGNKNDDPERKVVETEDAYKFAGQMGIQLFETSAKENVNVEE
MFNCITELVLRAKKDNLAKQQ
;
B,D
#
# COMPACT_ATOMS: atom_id res chain seq x y z
N MET A 2 19.63 33.58 -3.48
CA MET A 2 18.51 33.96 -4.42
C MET A 2 17.70 32.75 -4.97
N ASP A 3 18.37 31.61 -5.21
CA ASP A 3 17.84 30.46 -6.04
C ASP A 3 17.35 29.28 -5.13
N CYS A 4 18.30 28.75 -4.37
CA CYS A 4 18.12 27.68 -3.43
C CYS A 4 17.52 28.20 -2.09
N ARG A 5 16.76 27.36 -1.46
CA ARG A 5 16.13 27.68 -0.20
C ARG A 5 16.86 27.05 0.99
N THR A 6 18.10 26.66 0.82
CA THR A 6 18.95 26.22 1.94
C THR A 6 19.84 27.35 2.38
N LYS A 7 19.98 27.51 3.68
CA LYS A 7 20.96 28.49 4.20
C LYS A 7 22.36 27.99 3.89
N ALA A 8 23.12 28.75 3.11
CA ALA A 8 24.52 28.36 2.72
C ALA A 8 25.44 27.98 3.87
N ASN A 9 25.67 28.94 4.76
CA ASN A 9 26.63 28.75 5.85
C ASN A 9 25.99 29.01 7.20
N PRO A 10 25.19 28.06 7.70
CA PRO A 10 24.51 28.31 8.96
C PRO A 10 25.51 28.42 10.10
N ASP A 11 25.05 28.96 11.21
CA ASP A 11 25.96 29.18 12.32
C ASP A 11 26.33 27.86 12.95
N ARG A 12 25.40 26.91 12.92
CA ARG A 12 25.58 25.66 13.65
C ARG A 12 25.11 24.43 12.87
N THR A 13 25.76 23.29 13.17
CA THR A 13 25.43 22.02 12.58
C THR A 13 23.98 21.71 12.83
N PHE A 14 23.51 22.05 14.03
CA PHE A 14 22.08 22.00 14.37
C PHE A 14 21.90 23.03 15.48
N ASP A 15 20.66 23.41 15.69
CA ASP A 15 20.33 24.47 16.62
C ASP A 15 19.64 23.97 17.89
N LEU A 16 18.93 22.86 17.78
CA LEU A 16 18.13 22.35 18.89
C LEU A 16 17.89 20.88 18.71
N VAL A 17 17.88 20.18 19.84
CA VAL A 17 17.41 18.82 19.94
C VAL A 17 16.41 18.76 21.08
N LEU A 18 15.29 18.07 20.87
CA LEU A 18 14.22 17.96 21.88
C LEU A 18 13.63 16.57 21.82
N LYS A 19 13.25 16.11 23.00
CA LYS A 19 12.41 14.97 23.24
C LYS A 19 11.09 15.55 23.76
N VAL A 20 10.03 15.20 23.07
CA VAL A 20 8.68 15.71 23.30
C VAL A 20 7.68 14.57 23.44
N LYS A 21 6.67 14.77 24.29
CA LYS A 21 5.60 13.84 24.55
C LYS A 21 4.27 14.59 24.50
N CYS A 22 3.21 13.97 23.97
CA CYS A 22 1.85 14.52 24.20
C CYS A 22 1.43 14.44 25.67
N GLU A 28 -4.57 20.62 25.80
CA GLU A 28 -3.24 20.87 26.35
C GLU A 28 -2.23 20.59 25.26
N ASP A 29 -1.06 21.21 25.35
CA ASP A 29 0.00 21.08 24.30
C ASP A 29 0.93 19.86 24.52
N PRO A 30 1.82 19.54 23.53
CA PRO A 30 2.79 18.50 23.87
C PRO A 30 3.76 18.98 24.91
N VAL A 31 4.32 18.09 25.69
CA VAL A 31 5.28 18.50 26.69
C VAL A 31 6.71 18.21 26.23
N VAL A 32 7.56 19.20 26.35
CA VAL A 32 9.01 19.02 26.20
C VAL A 32 9.52 18.37 27.47
N LEU A 33 10.05 17.17 27.33
CA LEU A 33 10.68 16.45 28.42
C LEU A 33 12.14 16.84 28.64
N TRP A 34 12.84 17.21 27.55
CA TRP A 34 14.30 17.34 27.55
C TRP A 34 14.72 18.08 26.28
N LYS A 35 15.58 19.08 26.43
CA LYS A 35 16.16 19.75 25.29
C LYS A 35 17.68 20.01 25.42
N PHE A 36 18.35 20.12 24.28
CA PHE A 36 19.71 20.59 24.22
C PHE A 36 19.80 21.62 23.09
N PRO A 37 20.46 22.76 23.32
CA PRO A 37 21.06 23.22 24.56
C PRO A 37 20.02 23.56 25.61
N GLU A 38 20.33 23.29 26.88
CA GLU A 38 19.42 23.58 27.99
C GLU A 38 18.92 25.02 28.04
N ASP A 39 19.78 25.97 27.69
CA ASP A 39 19.43 27.38 27.73
C ASP A 39 18.95 27.89 26.36
N PHE A 40 18.44 27.00 25.51
CA PHE A 40 17.88 27.44 24.22
C PHE A 40 16.84 28.54 24.46
N GLY A 41 16.99 29.66 23.77
CA GLY A 41 16.29 30.88 24.15
C GLY A 41 15.17 31.40 23.24
N ASP A 42 14.94 30.78 22.08
CA ASP A 42 13.94 31.28 21.16
C ASP A 42 12.62 30.61 21.54
N GLN A 43 11.80 31.32 22.30
CA GLN A 43 10.53 30.78 22.79
C GLN A 43 9.52 30.49 21.68
N GLU A 44 9.66 31.17 20.54
CA GLU A 44 8.77 30.97 19.41
C GLU A 44 9.01 29.58 18.79
N ILE A 45 10.26 29.17 18.79
CA ILE A 45 10.61 27.86 18.27
C ILE A 45 10.25 26.79 19.30
N LEU A 46 10.43 27.08 20.57
CA LEU A 46 10.06 26.15 21.62
C LEU A 46 8.54 25.89 21.64
N GLN A 47 7.73 26.88 21.27
CA GLN A 47 6.27 26.69 21.21
C GLN A 47 5.87 25.94 19.95
N SER A 48 6.47 26.27 18.79
CA SER A 48 6.05 25.68 17.52
C SER A 48 6.62 24.31 17.26
N VAL A 49 7.82 24.04 17.73
CA VAL A 49 8.44 22.78 17.31
C VAL A 49 7.71 21.56 17.81
N PRO A 50 7.23 21.59 19.07
CA PRO A 50 6.46 20.47 19.58
C PRO A 50 5.16 20.17 18.81
N LYS A 51 4.53 21.18 18.23
CA LYS A 51 3.29 20.97 17.49
C LYS A 51 3.59 20.36 16.16
N PHE A 52 4.77 20.65 15.60
CA PHE A 52 5.14 20.01 14.37
C PHE A 52 5.65 18.58 14.54
N CYS A 53 6.04 18.23 15.77
CA CYS A 53 6.41 16.84 16.12
C CYS A 53 5.23 15.87 16.07
N PHE A 54 4.01 16.39 16.23
CA PHE A 54 2.81 15.57 16.29
C PHE A 54 1.72 16.25 15.44
N PRO A 55 1.97 16.35 14.14
CA PRO A 55 1.14 17.13 13.25
C PRO A 55 0.04 16.25 12.73
N PHE A 56 -0.81 15.77 13.64
CA PHE A 56 -1.90 14.89 13.32
C PHE A 56 -2.94 14.98 14.45
N ASP A 57 -4.09 14.40 14.20
CA ASP A 57 -5.18 14.41 15.28
C ASP A 57 -4.82 13.35 16.27
N VAL A 58 -4.06 13.73 17.27
CA VAL A 58 -3.53 12.80 18.26
C VAL A 58 -4.62 11.97 18.93
N GLU A 59 -5.65 12.64 19.36
CA GLU A 59 -6.78 11.98 20.00
C GLU A 59 -7.32 10.77 19.21
N ARG A 60 -7.46 10.96 17.90
CA ARG A 60 -8.02 9.94 17.00
C ARG A 60 -7.03 8.86 16.54
N VAL A 61 -5.88 9.22 15.94
CA VAL A 61 -5.00 8.20 15.34
C VAL A 61 -3.67 7.90 16.01
N SER A 62 -3.49 8.26 17.28
CA SER A 62 -2.15 8.04 17.92
C SER A 62 -1.73 6.56 17.79
N GLN A 63 -2.66 5.72 18.13
CA GLN A 63 -2.44 4.28 18.20
C GLN A 63 -2.20 3.58 16.85
N ASN A 64 -2.57 4.24 15.76
CA ASN A 64 -2.29 3.77 14.37
C ASN A 64 -0.90 4.09 13.89
N GLN A 65 -0.21 4.97 14.63
CA GLN A 65 1.12 5.42 14.19
C GLN A 65 2.13 4.32 14.35
N VAL A 66 2.89 4.13 13.29
CA VAL A 66 3.97 3.19 13.23
C VAL A 66 5.28 3.95 13.52
N GLY A 67 6.33 3.26 13.98
CA GLY A 67 7.59 3.91 14.26
C GLY A 67 8.15 4.47 12.95
N GLN A 68 8.57 5.73 12.92
CA GLN A 68 9.03 6.32 11.64
C GLN A 68 9.91 7.55 11.89
N HIS A 69 10.60 7.91 10.82
CA HIS A 69 11.33 9.10 10.68
C HIS A 69 10.63 9.99 9.64
N PHE A 70 10.54 11.30 9.91
CA PHE A 70 10.01 12.27 8.95
C PHE A 70 10.65 13.62 9.22
N THR A 71 10.52 14.53 8.26
CA THR A 71 11.20 15.80 8.34
C THR A 71 10.30 16.95 7.99
N PHE A 72 9.89 17.69 9.02
CA PHE A 72 9.18 18.93 8.84
C PHE A 72 10.18 20.06 8.46
N VAL A 73 9.58 21.13 7.97
CA VAL A 73 10.35 22.34 7.62
C VAL A 73 9.61 23.57 8.12
N LEU A 74 10.34 24.42 8.80
CA LEU A 74 9.92 25.70 9.22
C LEU A 74 10.70 26.69 8.36
N THR A 75 10.01 27.70 7.84
CA THR A 75 10.60 28.66 6.90
C THR A 75 10.87 29.92 7.64
N ASP A 76 12.10 30.44 7.52
CA ASP A 76 12.49 31.64 8.24
C ASP A 76 12.18 32.90 7.43
N ILE A 77 12.49 34.03 8.01
CA ILE A 77 12.32 35.36 7.41
C ILE A 77 12.90 35.54 6.00
N GLU A 78 13.93 34.78 5.66
CA GLU A 78 14.56 34.85 4.34
C GLU A 78 14.03 33.77 3.41
N SER A 79 12.98 33.05 3.84
CA SER A 79 12.45 31.86 3.15
C SER A 79 13.41 30.67 3.10
N LYS A 80 14.40 30.67 3.96
CA LYS A 80 15.27 29.52 4.08
C LYS A 80 14.62 28.44 4.97
N GLN A 81 14.97 27.19 4.68
CA GLN A 81 14.42 26.05 5.37
C GLN A 81 15.18 25.61 6.60
N ARG A 82 14.43 25.47 7.69
CA ARG A 82 14.93 24.87 8.93
C ARG A 82 14.36 23.47 8.95
N PHE A 83 15.21 22.46 8.90
CA PHE A 83 14.74 21.08 8.82
C PHE A 83 14.54 20.52 10.21
N GLY A 84 13.34 19.99 10.46
CA GLY A 84 13.00 19.31 11.67
C GLY A 84 13.08 17.79 11.49
N PHE A 85 14.25 17.21 11.75
CA PHE A 85 14.42 15.74 11.66
C PHE A 85 13.83 15.03 12.92
N CYS A 86 12.79 14.21 12.72
CA CYS A 86 12.06 13.61 13.78
C CYS A 86 12.05 12.08 13.71
N ARG A 87 12.11 11.47 14.89
CA ARG A 87 11.95 10.03 15.04
C ARG A 87 10.73 9.88 15.87
N LEU A 88 9.64 9.40 15.29
CA LEU A 88 8.35 9.18 16.07
C LEU A 88 8.17 7.70 16.48
N THR A 89 8.04 7.44 17.76
CA THR A 89 7.88 6.08 18.25
C THR A 89 6.52 5.49 17.90
N SER A 90 6.47 4.19 17.62
CA SER A 90 5.18 3.50 17.45
C SER A 90 4.18 3.85 18.56
N GLY A 91 2.93 4.05 18.16
CA GLY A 91 1.95 4.60 19.11
C GLY A 91 1.92 6.13 19.06
N GLY A 92 2.89 6.78 18.43
CA GLY A 92 2.81 8.22 18.28
C GLY A 92 2.64 9.11 19.51
N THR A 93 3.11 8.69 20.67
CA THR A 93 3.07 9.54 21.90
C THR A 93 4.37 10.29 22.22
N ILE A 94 5.49 9.84 21.65
CA ILE A 94 6.82 10.32 21.98
C ILE A 94 7.52 10.59 20.66
N CYS A 95 8.27 11.72 20.61
CA CYS A 95 8.96 12.14 19.41
C CYS A 95 10.29 12.83 19.76
N LEU A 96 11.37 12.42 19.07
CA LEU A 96 12.69 13.02 19.19
C LEU A 96 12.96 13.88 17.95
N CYS A 97 13.52 15.08 18.13
CA CYS A 97 13.58 16.09 17.07
C CYS A 97 14.90 16.86 17.09
N ILE A 98 15.60 16.89 15.95
CA ILE A 98 16.74 17.76 15.74
C ILE A 98 16.45 18.83 14.70
N LEU A 99 16.65 20.08 15.09
CA LEU A 99 16.38 21.20 14.20
C LEU A 99 17.68 21.72 13.68
N SER A 100 17.80 21.71 12.35
CA SER A 100 19.01 22.12 11.66
C SER A 100 18.73 22.79 10.34
N TYR A 101 19.60 23.73 9.95
CA TYR A 101 19.60 24.25 8.56
C TYR A 101 20.23 23.30 7.56
N LEU A 102 20.88 22.23 8.01
CA LEU A 102 21.61 21.35 7.10
C LEU A 102 20.70 20.24 6.67
N PRO A 103 20.61 19.99 5.36
CA PRO A 103 19.65 19.01 4.86
C PRO A 103 20.22 17.62 4.96
N TRP A 104 20.65 17.23 6.14
CA TRP A 104 21.37 15.95 6.30
C TRP A 104 20.38 14.87 6.77
N PHE A 105 19.49 14.43 5.90
CA PHE A 105 18.46 13.47 6.28
C PHE A 105 19.06 12.16 6.76
N GLU A 106 20.00 11.59 6.01
CA GLU A 106 20.45 10.23 6.36
C GLU A 106 21.28 10.21 7.64
N VAL A 107 22.13 11.21 7.78
CA VAL A 107 22.91 11.42 8.98
C VAL A 107 22.07 11.65 10.24
N TYR A 108 21.08 12.54 10.15
CA TYR A 108 20.30 12.87 11.31
C TYR A 108 19.31 11.81 11.73
N TYR A 109 18.76 11.11 10.76
CA TYR A 109 17.99 9.88 11.05
C TYR A 109 18.78 8.86 11.85
N LYS A 110 20.04 8.58 11.42
CA LYS A 110 20.93 7.71 12.16
C LYS A 110 21.26 8.29 13.54
N LEU A 111 21.57 9.57 13.59
CA LEU A 111 21.88 10.23 14.88
C LEU A 111 20.67 10.13 15.82
N LEU A 112 19.45 10.28 15.30
CA LEU A 112 18.25 10.21 16.14
C LEU A 112 18.10 8.80 16.75
N ASN A 113 18.37 7.78 15.96
CA ASN A 113 18.32 6.41 16.50
C ASN A 113 19.38 6.22 17.60
N THR A 114 20.56 6.78 17.38
CA THR A 114 21.66 6.67 18.34
C THR A 114 21.35 7.46 19.60
N LEU A 115 20.70 8.62 19.48
CA LEU A 115 20.28 9.34 20.66
C LEU A 115 19.20 8.55 21.40
N ALA A 116 18.30 7.92 20.66
CA ALA A 116 17.25 7.11 21.31
C ALA A 116 17.86 5.95 22.07
N ASP A 117 18.90 5.34 21.52
CA ASP A 117 19.52 4.20 22.18
C ASP A 117 20.29 4.63 23.43
N TYR A 118 20.92 5.82 23.38
CA TYR A 118 21.63 6.39 24.54
C TYR A 118 20.67 6.74 25.65
N LEU A 119 19.51 7.27 25.32
CA LEU A 119 18.46 7.53 26.30
C LEU A 119 17.92 6.24 26.96
N ALA A 120 17.62 5.21 26.17
CA ALA A 120 17.13 3.93 26.72
C ALA A 120 18.19 3.17 27.59
N LYS A 121 19.46 3.32 27.24
CA LYS A 121 20.56 2.74 28.00
C LYS A 121 21.09 3.75 29.03
N GLU A 122 20.35 4.84 29.22
CA GLU A 122 20.60 5.76 30.33
C GLU A 122 22.06 6.31 30.36
N LEU A 123 22.59 6.57 29.17
CA LEU A 123 23.95 7.01 29.05
C LEU A 123 23.94 8.54 28.87
N GLU A 124 23.80 9.27 29.97
CA GLU A 124 23.62 10.70 29.89
C GLU A 124 24.89 11.49 29.45
N ASN A 125 26.03 11.17 30.05
CA ASN A 125 27.29 11.83 29.70
C ASN A 125 27.62 11.71 28.23
N ASP A 126 27.67 10.47 27.76
CA ASP A 126 27.95 10.19 26.34
C ASP A 126 27.04 10.96 25.39
N LEU A 127 25.78 11.12 25.79
CA LEU A 127 24.78 11.85 25.02
C LEU A 127 25.14 13.34 24.99
N ASN A 128 25.38 13.90 26.17
CA ASN A 128 25.74 15.33 26.29
C ASN A 128 27.05 15.61 25.59
N GLU A 129 28.05 14.75 25.79
CA GLU A 129 29.29 14.79 25.02
C GLU A 129 29.10 14.84 23.51
N THR A 130 28.34 13.88 23.00
CA THR A 130 28.10 13.79 21.56
C THR A 130 27.42 15.05 21.05
N LEU A 131 26.35 15.46 21.75
CA LEU A 131 25.64 16.71 21.42
C LEU A 131 26.55 17.95 21.44
N ARG A 132 27.27 18.15 22.55
CA ARG A 132 28.21 19.24 22.69
C ARG A 132 29.18 19.33 21.56
N SER A 133 29.77 18.19 21.27
CA SER A 133 30.92 18.12 20.40
C SER A 133 30.50 18.42 18.99
N LEU A 134 29.34 17.92 18.63
CA LEU A 134 28.79 18.20 17.31
C LEU A 134 28.23 19.64 17.23
N TYR A 135 27.65 20.14 18.33
CA TYR A 135 27.07 21.48 18.40
C TYR A 135 28.17 22.55 18.22
N ASN A 136 29.28 22.38 18.90
CA ASN A 136 30.37 23.36 18.86
C ASN A 136 31.37 23.09 17.75
N HIS A 137 31.17 21.98 17.04
CA HIS A 137 31.97 21.67 15.87
C HIS A 137 31.60 22.66 14.78
N PRO A 138 32.61 23.33 14.18
CA PRO A 138 32.32 24.12 12.99
C PRO A 138 31.65 23.26 11.93
N VAL A 139 30.72 23.84 11.20
CA VAL A 139 30.00 23.09 10.19
C VAL A 139 31.00 22.47 9.23
N PRO A 140 31.03 21.12 9.10
CA PRO A 140 32.03 20.49 8.26
C PRO A 140 31.53 20.39 6.81
N LYS A 141 32.32 20.94 5.86
CA LYS A 141 31.95 20.98 4.43
C LYS A 141 32.40 19.73 3.64
N ALA A 142 33.39 18.99 4.19
CA ALA A 142 33.89 17.73 3.61
C ALA A 142 33.50 16.51 4.48
N ASN A 143 33.62 15.30 3.92
CA ASN A 143 33.40 14.05 4.70
C ASN A 143 34.53 13.79 5.70
N THR A 144 34.40 14.37 6.90
CA THR A 144 35.53 14.56 7.83
C THR A 144 35.12 14.52 9.30
N GLY A 161 25.74 16.35 -5.90
CA GLY A 161 25.44 15.05 -6.51
C GLY A 161 23.94 14.69 -6.51
N LEU A 162 23.49 14.00 -7.54
CA LEU A 162 22.12 13.67 -7.70
C LEU A 162 21.67 12.63 -6.70
N PRO A 163 20.45 12.79 -6.17
CA PRO A 163 19.92 11.76 -5.23
C PRO A 163 19.87 10.38 -5.90
N THR A 164 20.12 9.33 -5.12
CA THR A 164 20.25 7.95 -5.66
C THR A 164 19.33 7.05 -4.83
N ILE A 165 18.88 5.93 -5.40
CA ILE A 165 17.92 5.05 -4.69
C ILE A 165 18.71 3.80 -4.48
N PRO A 166 18.66 3.26 -3.25
CA PRO A 166 17.93 3.58 -2.06
C PRO A 166 18.66 4.49 -1.08
N GLU A 167 19.83 5.04 -1.44
CA GLU A 167 20.60 5.85 -0.46
C GLU A 167 19.77 7.02 0.00
N SER A 168 19.18 7.85 -0.88
CA SER A 168 18.56 9.07 -0.37
C SER A 168 17.14 8.70 -0.05
N ARG A 169 16.82 8.83 1.22
CA ARG A 169 15.59 8.31 1.75
C ARG A 169 14.35 9.04 1.22
N ASN A 170 14.49 10.31 0.85
CA ASN A 170 13.25 11.02 0.47
C ASN A 170 12.87 10.57 -0.92
N LEU A 171 13.86 10.50 -1.86
CA LEU A 171 13.50 10.06 -3.17
C LEU A 171 13.01 8.61 -3.17
N THR A 172 13.72 7.75 -2.43
CA THR A 172 13.40 6.33 -2.40
C THR A 172 11.92 6.13 -1.92
N GLU A 173 11.59 6.69 -0.81
CA GLU A 173 10.19 6.56 -0.29
C GLU A 173 9.14 7.21 -1.24
N TYR A 174 9.47 8.38 -1.84
CA TYR A 174 8.61 8.93 -2.86
C TYR A 174 8.30 7.93 -3.96
N PHE A 175 9.35 7.41 -4.53
CA PHE A 175 9.31 6.49 -5.65
C PHE A 175 8.61 5.16 -5.35
N VAL A 176 8.77 4.61 -4.15
CA VAL A 176 8.12 3.37 -3.85
C VAL A 176 6.65 3.58 -3.56
N ALA A 177 6.30 4.74 -3.01
CA ALA A 177 4.91 5.04 -2.58
C ALA A 177 3.98 5.57 -3.64
N VAL A 178 4.52 6.26 -4.62
CA VAL A 178 3.74 7.03 -5.60
C VAL A 178 3.85 6.50 -7.00
N ASP A 179 2.70 6.16 -7.63
CA ASP A 179 2.65 5.61 -9.04
C ASP A 179 3.42 6.55 -9.94
N VAL A 180 4.00 5.99 -11.00
CA VAL A 180 4.70 6.80 -12.04
C VAL A 180 3.78 7.86 -12.62
N ASN A 181 2.53 7.51 -12.87
CA ASN A 181 1.59 8.46 -13.45
C ASN A 181 1.41 9.63 -12.55
N ASN A 182 1.36 9.39 -11.24
CA ASN A 182 1.19 10.47 -10.27
C ASN A 182 2.49 11.28 -10.08
N MET A 183 3.63 10.65 -10.19
CA MET A 183 4.87 11.40 -10.25
C MET A 183 4.82 12.42 -11.39
N LEU A 184 4.35 11.99 -12.56
CA LEU A 184 4.27 12.84 -13.74
C LEU A 184 3.26 13.97 -13.51
N GLN A 185 2.21 13.66 -12.77
CA GLN A 185 1.14 14.65 -12.55
C GLN A 185 1.58 15.71 -11.59
N LEU A 186 2.32 15.31 -10.55
CA LEU A 186 2.83 16.27 -9.57
C LEU A 186 3.87 17.16 -10.18
N TYR A 187 4.77 16.52 -10.93
CA TYR A 187 5.75 17.27 -11.75
C TYR A 187 5.08 18.35 -12.63
N ALA A 188 4.06 17.99 -13.39
CA ALA A 188 3.37 18.93 -14.26
C ALA A 188 2.70 20.05 -13.51
N SER A 189 2.08 19.69 -12.41
CA SER A 189 1.42 20.65 -11.55
C SER A 189 2.43 21.65 -10.98
N MET A 190 3.65 21.20 -10.67
CA MET A 190 4.68 22.05 -10.09
C MET A 190 5.08 23.00 -11.16
N LEU A 191 5.23 22.45 -12.38
CA LEU A 191 5.60 23.26 -13.51
C LEU A 191 4.47 24.15 -14.03
N HIS A 192 3.36 24.23 -13.31
CA HIS A 192 2.38 25.31 -13.51
C HIS A 192 2.10 26.05 -12.20
N GLU A 193 3.00 25.87 -11.21
CA GLU A 193 2.94 26.51 -9.90
C GLU A 193 1.52 26.53 -9.30
N ARG A 194 0.96 25.34 -9.27
CA ARG A 194 -0.35 25.07 -8.67
C ARG A 194 -0.26 25.05 -7.16
N ARG A 195 -1.44 25.05 -6.54
CA ARG A 195 -1.59 24.85 -5.11
C ARG A 195 -1.80 23.36 -4.85
N ILE A 196 -0.77 22.74 -4.31
CA ILE A 196 -0.67 21.28 -4.21
C ILE A 196 -0.75 20.76 -2.75
N VAL A 197 -1.69 19.86 -2.51
CA VAL A 197 -1.76 19.17 -1.24
C VAL A 197 -1.51 17.71 -1.41
N ILE A 198 -0.56 17.19 -0.63
CA ILE A 198 -0.23 15.79 -0.63
C ILE A 198 -0.70 15.26 0.66
N ILE A 199 -1.32 14.10 0.62
CA ILE A 199 -1.92 13.48 1.81
C ILE A 199 -1.41 12.05 2.01
N SER A 200 -1.06 11.70 3.26
CA SER A 200 -0.68 10.35 3.59
C SER A 200 -1.00 10.08 5.02
N SER A 201 -1.20 8.81 5.33
CA SER A 201 -1.39 8.33 6.70
C SER A 201 -0.08 8.15 7.43
N LYS A 202 1.02 8.22 6.67
CA LYS A 202 2.39 8.10 7.24
C LYS A 202 3.17 9.37 7.04
N LEU A 203 3.70 9.93 8.13
CA LEU A 203 4.42 11.16 8.08
C LEU A 203 5.73 10.97 7.29
N SER A 204 6.28 9.76 7.41
CA SER A 204 7.57 9.39 6.70
C SER A 204 7.29 9.54 5.21
N THR A 205 6.27 8.87 4.71
CA THR A 205 5.91 8.96 3.29
C THR A 205 5.57 10.41 2.89
N LEU A 206 4.69 11.07 3.69
CA LEU A 206 4.25 12.42 3.48
C LEU A 206 5.32 13.46 3.28
N THR A 207 6.19 13.62 4.28
CA THR A 207 7.33 14.55 4.10
C THR A 207 8.23 14.07 3.01
N ALA A 208 8.35 12.76 2.83
CA ALA A 208 9.26 12.24 1.79
C ALA A 208 8.83 12.65 0.36
N CYS A 209 7.55 12.54 0.15
CA CYS A 209 6.89 12.94 -1.11
C CYS A 209 7.03 14.45 -1.42
N ILE A 210 6.89 15.25 -0.41
CA ILE A 210 7.08 16.66 -0.57
C ILE A 210 8.56 16.98 -0.87
N HIS A 211 9.49 16.52 -0.02
CA HIS A 211 10.91 16.76 -0.30
C HIS A 211 11.35 16.16 -1.62
N GLY A 212 11.00 14.88 -1.84
CA GLY A 212 11.49 14.15 -3.08
C GLY A 212 10.90 14.75 -4.36
N SER A 213 9.59 15.04 -4.37
CA SER A 213 8.98 15.66 -5.55
C SER A 213 9.64 17.01 -5.86
N ALA A 214 9.82 17.83 -4.83
CA ALA A 214 10.45 19.16 -5.06
C ALA A 214 11.87 19.10 -5.61
N ALA A 215 12.64 18.15 -5.14
CA ALA A 215 14.04 18.00 -5.58
C ALA A 215 14.18 17.63 -7.08
N LEU A 216 13.15 17.01 -7.63
CA LEU A 216 13.18 16.62 -9.02
C LEU A 216 13.02 17.83 -9.98
N LEU A 217 12.83 19.06 -9.44
CA LEU A 217 12.88 20.33 -10.21
C LEU A 217 14.30 20.76 -10.58
N TYR A 218 15.29 20.21 -9.86
CA TYR A 218 16.68 20.58 -10.03
C TYR A 218 16.98 20.78 -11.50
N PRO A 219 17.77 21.83 -11.86
CA PRO A 219 18.42 22.83 -11.04
C PRO A 219 17.51 23.97 -10.57
N MET A 220 16.20 23.80 -10.75
CA MET A 220 15.24 24.77 -10.22
C MET A 220 14.74 24.31 -8.87
N TYR A 221 14.24 25.26 -8.09
CA TYR A 221 13.71 24.99 -6.77
C TYR A 221 12.32 25.62 -6.65
N TRP A 222 11.47 25.02 -5.81
CA TRP A 222 10.16 25.56 -5.49
C TRP A 222 10.39 26.82 -4.70
N GLN A 223 9.71 27.89 -5.10
CA GLN A 223 9.99 29.20 -4.55
C GLN A 223 8.88 29.71 -3.65
N HIS A 224 7.77 28.98 -3.58
CA HIS A 224 6.65 29.51 -2.81
C HIS A 224 6.42 28.71 -1.55
N ILE A 225 5.19 28.77 -1.01
CA ILE A 225 4.85 28.17 0.27
C ILE A 225 5.22 26.70 0.24
N TYR A 226 5.98 26.31 1.27
CA TYR A 226 6.63 24.99 1.31
C TYR A 226 6.57 24.46 2.70
N ILE A 227 5.59 23.57 2.92
CA ILE A 227 5.29 23.00 4.21
C ILE A 227 5.07 21.48 4.10
N PRO A 228 6.13 20.70 4.31
CA PRO A 228 6.10 19.24 4.20
C PRO A 228 5.09 18.58 5.06
N VAL A 229 4.84 19.13 6.23
CA VAL A 229 3.74 18.69 7.04
C VAL A 229 3.21 19.89 7.82
N LEU A 230 1.88 20.07 7.68
CA LEU A 230 1.13 21.14 8.26
C LEU A 230 0.32 20.67 9.47
N PRO A 231 0.61 21.25 10.67
CA PRO A 231 -0.02 20.81 11.86
C PRO A 231 -1.42 21.34 11.96
N PRO A 232 -2.25 20.67 12.77
CA PRO A 232 -3.67 21.00 12.93
C PRO A 232 -3.96 22.47 13.16
N HIS A 233 -3.19 23.15 14.01
CA HIS A 233 -3.56 24.54 14.36
C HIS A 233 -3.33 25.48 13.18
N LEU A 234 -2.69 25.03 12.12
CA LEU A 234 -2.40 25.86 10.98
C LEU A 234 -3.17 25.43 9.71
N LEU A 235 -4.27 24.67 9.84
CA LEU A 235 -4.98 24.16 8.65
C LEU A 235 -5.54 25.25 7.73
N ASP A 236 -5.93 26.37 8.31
CA ASP A 236 -6.48 27.50 7.56
C ASP A 236 -5.56 28.02 6.46
N TYR A 237 -4.27 27.68 6.54
CA TYR A 237 -3.27 28.08 5.52
C TYR A 237 -3.40 27.40 4.21
N CYS A 238 -4.15 26.31 4.19
CA CYS A 238 -4.56 25.66 2.92
C CYS A 238 -5.45 26.55 2.09
N CYS A 239 -6.07 27.56 2.71
CA CYS A 239 -6.84 28.55 1.96
C CYS A 239 -5.99 29.59 1.27
N ALA A 240 -4.65 29.54 1.41
CA ALA A 240 -3.79 30.54 0.73
C ALA A 240 -4.07 30.64 -0.78
N PRO A 241 -4.14 31.86 -1.31
CA PRO A 241 -4.37 32.04 -2.75
C PRO A 241 -3.12 31.83 -3.61
N MET A 242 -1.94 32.02 -3.02
CA MET A 242 -0.66 31.87 -3.73
C MET A 242 -0.25 30.43 -3.90
N PRO A 243 0.69 30.16 -4.84
CA PRO A 243 1.15 28.80 -5.02
C PRO A 243 1.70 28.18 -3.73
N TYR A 244 1.55 26.88 -3.63
CA TYR A 244 2.00 26.19 -2.43
C TYR A 244 2.20 24.71 -2.59
N LEU A 245 3.04 24.14 -1.71
CA LEU A 245 3.26 22.70 -1.63
C LEU A 245 3.20 22.31 -0.18
N ILE A 246 2.13 21.60 0.15
CA ILE A 246 1.73 21.38 1.53
C ILE A 246 1.37 19.93 1.76
N GLY A 247 1.91 19.37 2.83
CA GLY A 247 1.54 18.03 3.27
C GLY A 247 0.61 17.99 4.47
N ILE A 248 -0.41 17.15 4.39
CA ILE A 248 -1.39 16.98 5.43
C ILE A 248 -1.51 15.48 5.75
N HIS A 249 -1.47 15.16 7.04
CA HIS A 249 -1.72 13.82 7.52
C HIS A 249 -3.18 13.50 7.22
N SER A 250 -3.44 12.24 6.92
CA SER A 250 -4.78 11.80 6.53
C SER A 250 -5.89 12.03 7.57
N SER A 251 -5.55 12.08 8.85
CA SER A 251 -6.51 12.33 9.87
C SER A 251 -6.98 13.80 9.85
N LEU A 252 -6.38 14.66 9.05
CA LEU A 252 -6.84 16.04 8.95
C LEU A 252 -7.53 16.44 7.65
N ILE A 253 -7.54 15.58 6.65
CA ILE A 253 -8.07 15.88 5.32
C ILE A 253 -9.56 16.25 5.29
N GLU A 254 -10.35 15.65 6.14
CA GLU A 254 -11.79 16.00 6.17
C GLU A 254 -12.00 17.46 6.67
N ARG A 255 -11.28 17.83 7.71
CA ARG A 255 -11.34 19.18 8.20
C ARG A 255 -10.89 20.17 7.12
N VAL A 256 -9.79 19.85 6.42
CA VAL A 256 -9.30 20.72 5.36
C VAL A 256 -10.34 20.85 4.27
N LYS A 257 -10.86 19.72 3.78
CA LYS A 257 -11.86 19.76 2.71
C LYS A 257 -13.08 20.59 3.00
N ASN A 258 -13.52 20.59 4.27
CA ASN A 258 -14.66 21.39 4.75
C ASN A 258 -14.38 22.89 4.81
N LYS A 259 -13.12 23.29 4.58
CA LYS A 259 -12.75 24.71 4.48
C LYS A 259 -13.08 25.18 3.05
N SER A 260 -13.09 26.50 2.83
CA SER A 260 -13.36 27.01 1.48
C SER A 260 -12.06 27.26 0.71
N LEU A 261 -11.65 26.26 -0.06
CA LEU A 261 -10.37 26.30 -0.72
C LEU A 261 -10.48 26.97 -2.08
N GLU A 262 -9.34 27.48 -2.54
CA GLU A 262 -9.15 27.84 -3.95
C GLU A 262 -9.12 26.54 -4.79
N ASP A 263 -8.87 26.64 -6.08
CA ASP A 263 -8.64 25.48 -6.90
C ASP A 263 -7.30 24.89 -6.44
N VAL A 264 -7.32 23.61 -6.03
CA VAL A 264 -6.15 22.93 -5.52
C VAL A 264 -5.98 21.53 -6.12
N VAL A 265 -4.72 21.12 -6.26
CA VAL A 265 -4.38 19.81 -6.74
C VAL A 265 -4.10 18.96 -5.52
N MET A 266 -4.84 17.86 -5.37
CA MET A 266 -4.65 16.92 -4.26
C MET A 266 -4.31 15.52 -4.64
N LEU A 267 -3.30 15.02 -3.98
CA LEU A 267 -2.83 13.67 -4.20
C LEU A 267 -2.93 12.96 -2.88
N ASN A 268 -3.77 11.93 -2.82
CA ASN A 268 -3.86 11.08 -1.65
C ASN A 268 -3.00 9.86 -1.91
N VAL A 269 -1.79 9.87 -1.37
CA VAL A 269 -0.85 8.79 -1.47
C VAL A 269 -1.38 7.46 -0.89
N ASP A 270 -2.25 7.47 0.11
CA ASP A 270 -2.73 6.21 0.64
C ASP A 270 -3.36 5.37 -0.49
N THR A 271 -3.94 6.04 -1.47
CA THR A 271 -4.65 5.32 -2.53
C THR A 271 -4.17 5.68 -3.93
N ASN A 272 -3.20 6.59 -4.02
CA ASN A 272 -2.73 7.05 -5.33
C ASN A 272 -3.85 7.66 -6.22
N THR A 273 -4.76 8.35 -5.54
CA THR A 273 -5.85 9.16 -6.10
C THR A 273 -5.48 10.65 -6.19
N LEU A 274 -5.48 11.15 -7.41
CA LEU A 274 -5.15 12.51 -7.70
C LEU A 274 -6.36 13.21 -8.13
N GLU A 275 -6.63 14.37 -7.52
CA GLU A 275 -7.70 15.19 -8.09
C GLU A 275 -7.27 16.63 -8.31
N SER A 276 -7.57 17.06 -9.53
CA SER A 276 -7.17 18.34 -10.03
C SER A 276 -8.13 18.78 -11.06
N PRO A 277 -8.55 20.08 -11.02
CA PRO A 277 -9.40 20.63 -12.04
C PRO A 277 -8.63 21.10 -13.23
N PHE A 278 -7.34 20.85 -13.25
CA PHE A 278 -6.49 21.23 -14.38
C PHE A 278 -6.07 19.99 -15.14
N SER A 279 -5.55 20.21 -16.33
CA SER A 279 -5.05 19.12 -17.14
C SER A 279 -3.61 19.48 -17.48
N ASP A 280 -2.77 19.68 -16.44
CA ASP A 280 -1.45 20.28 -16.65
C ASP A 280 -0.54 19.34 -17.37
N LEU A 281 -0.65 18.07 -17.08
CA LEU A 281 0.17 17.12 -17.79
C LEU A 281 -0.07 17.08 -19.31
N ASN A 282 -1.30 17.32 -19.75
CA ASN A 282 -1.60 17.45 -21.16
C ASN A 282 -0.81 18.59 -21.80
N ASN A 283 -0.42 19.61 -21.02
CA ASN A 283 0.32 20.78 -21.56
C ASN A 283 1.81 20.53 -21.80
N LEU A 284 2.34 19.42 -21.30
CA LEU A 284 3.74 19.12 -21.52
C LEU A 284 3.89 18.39 -22.84
N PRO A 285 4.96 18.66 -23.60
CA PRO A 285 5.18 17.94 -24.88
C PRO A 285 5.28 16.43 -24.70
N SER A 286 4.60 15.68 -25.58
CA SER A 286 4.39 14.25 -25.43
C SER A 286 5.70 13.46 -25.49
N ASP A 287 6.60 13.86 -26.39
CA ASP A 287 7.90 13.19 -26.49
C ASP A 287 8.68 13.22 -25.17
N VAL A 288 8.68 14.35 -24.48
CA VAL A 288 9.31 14.47 -23.15
C VAL A 288 8.67 13.57 -22.10
N VAL A 289 7.35 13.57 -22.08
CA VAL A 289 6.60 12.82 -21.09
C VAL A 289 6.81 11.33 -21.32
N SER A 290 6.67 10.86 -22.54
CA SER A 290 6.86 9.42 -22.82
C SER A 290 8.33 8.98 -22.59
N ALA A 291 9.31 9.83 -22.92
CA ALA A 291 10.70 9.51 -22.58
C ALA A 291 10.87 9.42 -21.05
N LEU A 292 10.35 10.38 -20.32
CA LEU A 292 10.43 10.32 -18.87
C LEU A 292 9.69 9.10 -18.31
N LYS A 293 8.45 8.93 -18.74
CA LYS A 293 7.67 7.76 -18.33
C LYS A 293 8.35 6.42 -18.63
N ASN A 294 8.84 6.24 -19.84
CA ASN A 294 9.41 4.98 -20.23
C ASN A 294 10.65 4.66 -19.37
N LYS A 295 11.42 5.68 -19.01
CA LYS A 295 12.60 5.48 -18.21
C LYS A 295 12.20 5.11 -16.77
N LEU A 296 11.14 5.73 -16.25
CA LEU A 296 10.75 5.49 -14.86
C LEU A 296 10.25 4.08 -14.63
N LYS A 297 9.63 3.51 -15.62
CA LYS A 297 9.16 2.14 -15.59
C LYS A 297 10.24 1.09 -15.83
N LYS A 298 11.45 1.51 -16.19
CA LYS A 298 12.53 0.58 -16.52
C LYS A 298 13.20 0.04 -15.26
N GLN A 299 13.23 -1.29 -15.12
CA GLN A 299 13.78 -1.95 -13.90
C GLN A 299 15.02 -1.25 -13.36
N SER A 300 16.00 -1.11 -14.23
CA SER A 300 17.31 -0.58 -13.85
C SER A 300 17.30 0.88 -13.37
N THR A 301 16.41 1.71 -13.92
CA THR A 301 16.20 3.09 -13.41
C THR A 301 15.94 3.15 -11.91
N ALA A 302 15.45 2.04 -11.37
CA ALA A 302 15.00 2.01 -9.96
C ALA A 302 16.17 1.95 -8.94
N THR A 303 17.41 1.84 -9.44
CA THR A 303 18.62 1.88 -8.62
C THR A 303 19.63 2.97 -9.06
N GLY A 304 20.40 3.46 -8.09
CA GLY A 304 21.36 4.52 -8.37
C GLY A 304 20.69 5.82 -8.77
N ASP A 305 21.27 6.58 -9.71
CA ASP A 305 20.75 7.92 -9.96
C ASP A 305 19.77 8.00 -11.14
N GLY A 306 19.19 6.85 -11.51
CA GLY A 306 18.36 6.72 -12.72
C GLY A 306 17.17 7.66 -12.66
N VAL A 307 16.45 7.59 -11.58
CA VAL A 307 15.23 8.43 -11.40
C VAL A 307 15.56 9.93 -11.49
N ALA A 308 16.61 10.39 -10.78
CA ALA A 308 16.95 11.80 -10.76
C ALA A 308 17.48 12.21 -12.09
N ARG A 309 18.08 11.28 -12.81
CA ARG A 309 18.71 11.58 -14.06
C ARG A 309 17.60 11.74 -15.06
N ALA A 310 16.61 10.84 -15.01
CA ALA A 310 15.42 10.93 -15.85
C ALA A 310 14.75 12.29 -15.70
N PHE A 311 14.50 12.73 -14.48
CA PHE A 311 13.89 14.05 -14.33
C PHE A 311 14.84 15.16 -14.73
N LEU A 312 16.09 15.06 -14.36
CA LEU A 312 17.09 16.01 -14.88
C LEU A 312 17.02 16.18 -16.40
N ARG A 313 16.84 15.07 -17.11
CA ARG A 313 16.81 15.11 -18.58
C ARG A 313 15.51 15.74 -19.09
N ALA A 314 14.42 15.56 -18.34
CA ALA A 314 13.14 16.18 -18.70
C ALA A 314 13.25 17.67 -18.52
N GLN A 315 13.92 18.09 -17.44
CA GLN A 315 14.10 19.51 -17.20
C GLN A 315 14.89 20.13 -18.32
N ALA A 316 15.92 19.42 -18.79
CA ALA A 316 16.76 19.89 -19.86
C ALA A 316 15.94 20.08 -21.12
N ALA A 317 15.16 19.07 -21.49
CA ALA A 317 14.33 19.14 -22.70
C ALA A 317 13.31 20.27 -22.62
N LEU A 318 12.69 20.49 -21.46
CA LEU A 318 11.70 21.54 -21.32
C LEU A 318 12.25 22.96 -21.29
N PHE A 319 13.36 23.18 -20.57
CA PHE A 319 13.89 24.52 -20.32
C PHE A 319 15.25 24.73 -20.91
N GLY A 320 15.82 23.69 -21.51
CA GLY A 320 17.17 23.73 -22.02
C GLY A 320 17.40 24.81 -23.03
N SER A 321 16.39 25.11 -23.85
CA SER A 321 16.53 26.11 -24.90
C SER A 321 16.85 27.50 -24.30
N TYR A 322 16.75 27.65 -22.98
CA TYR A 322 17.12 28.92 -22.33
C TYR A 322 18.54 29.42 -22.72
N ARG A 323 19.43 28.50 -23.04
CA ARG A 323 20.71 28.88 -23.59
C ARG A 323 20.45 29.74 -24.84
N ASP A 324 20.74 31.05 -24.73
CA ASP A 324 20.44 32.06 -25.78
C ASP A 324 20.41 33.56 -25.32
N ILE A 334 25.22 40.60 -20.07
CA ILE A 334 24.46 39.44 -20.58
C ILE A 334 23.00 39.42 -20.08
N THR A 335 22.07 39.13 -21.00
CA THR A 335 20.62 39.07 -20.68
C THR A 335 19.89 37.91 -21.40
N PHE A 336 18.71 37.60 -20.87
CA PHE A 336 17.82 36.55 -21.38
C PHE A 336 16.69 37.15 -22.23
N CYS A 337 16.56 36.73 -23.49
CA CYS A 337 15.50 37.23 -24.40
C CYS A 337 14.23 36.35 -24.36
N GLU A 338 13.17 36.84 -23.72
CA GLU A 338 11.96 36.05 -23.54
C GLU A 338 11.34 35.64 -24.88
N GLU A 339 11.36 36.54 -25.84
CA GLU A 339 10.71 36.27 -27.11
C GLU A 339 11.48 35.30 -28.00
N SER A 340 12.78 35.18 -27.80
CA SER A 340 13.52 34.18 -28.54
C SER A 340 13.35 32.77 -27.95
N PHE A 341 13.23 32.70 -26.63
CA PHE A 341 13.01 31.46 -25.88
C PHE A 341 11.64 30.86 -26.12
N VAL A 342 10.63 31.73 -26.17
CA VAL A 342 9.24 31.33 -26.37
C VAL A 342 8.93 30.95 -27.84
N LYS A 343 9.81 31.31 -28.77
CA LYS A 343 9.61 31.00 -30.19
C LYS A 343 10.18 29.61 -30.53
N HIS A 344 9.33 28.61 -30.40
CA HIS A 344 9.58 27.23 -30.86
C HIS A 344 8.60 26.92 -31.99
N ARG A 345 8.88 25.88 -32.79
CA ARG A 345 8.01 25.51 -33.90
C ARG A 345 6.73 24.75 -33.55
N SER A 346 6.84 23.82 -32.62
CA SER A 346 5.68 23.00 -32.20
C SER A 346 4.74 23.78 -31.30
N SER A 347 3.45 23.73 -31.62
CA SER A 347 2.43 24.48 -30.88
C SER A 347 2.37 24.06 -29.42
N VAL A 348 2.55 22.76 -29.15
CA VAL A 348 2.49 22.29 -27.76
C VAL A 348 3.63 22.86 -26.91
N MET A 349 4.85 22.86 -27.47
CA MET A 349 6.05 23.38 -26.77
C MET A 349 6.05 24.92 -26.69
N LYS A 350 5.71 25.58 -27.78
CA LYS A 350 5.56 27.03 -27.75
C LYS A 350 4.61 27.40 -26.61
N GLN A 351 3.44 26.78 -26.56
CA GLN A 351 2.44 27.02 -25.49
C GLN A 351 3.03 26.82 -24.10
N PHE A 352 3.74 25.73 -23.93
CA PHE A 352 4.39 25.47 -22.65
C PHE A 352 5.44 26.56 -22.33
N LEU A 353 6.28 26.90 -23.29
CA LEU A 353 7.33 27.87 -23.01
C LEU A 353 6.77 29.24 -22.63
N GLU A 354 5.65 29.61 -23.25
CA GLU A 354 4.91 30.83 -22.88
C GLU A 354 4.34 30.81 -21.44
N THR A 355 4.01 29.65 -20.91
CA THR A 355 3.63 29.60 -19.51
C THR A 355 4.86 29.49 -18.63
N ALA A 356 5.91 28.86 -19.13
CA ALA A 356 7.12 28.64 -18.33
C ALA A 356 7.74 29.98 -17.89
N ILE A 357 7.66 31.00 -18.75
CA ILE A 357 8.22 32.31 -18.43
C ILE A 357 7.49 32.96 -17.26
N ASN A 358 6.27 32.54 -16.97
CA ASN A 358 5.58 33.08 -15.80
C ASN A 358 5.84 32.29 -14.47
N LEU A 359 6.70 31.29 -14.49
CA LEU A 359 6.98 30.52 -13.30
C LEU A 359 8.03 31.20 -12.44
N GLN A 360 7.70 31.44 -11.18
CA GLN A 360 8.68 31.96 -10.24
C GLN A 360 9.92 31.03 -10.14
N LEU A 361 9.71 29.72 -10.14
CA LEU A 361 10.82 28.80 -10.13
C LEU A 361 11.79 28.94 -11.32
N PHE A 362 11.25 29.20 -12.51
CA PHE A 362 12.05 29.42 -13.68
C PHE A 362 12.70 30.80 -13.62
N LYS A 363 11.95 31.78 -13.13
CA LYS A 363 12.43 33.17 -13.04
C LYS A 363 13.64 33.27 -12.12
N GLN A 364 13.59 32.61 -10.96
CA GLN A 364 14.73 32.65 -10.02
C GLN A 364 15.93 31.94 -10.57
N PHE A 365 15.72 30.85 -11.30
CA PHE A 365 16.78 30.11 -11.93
C PHE A 365 17.49 30.98 -12.96
N ILE A 366 16.74 31.56 -13.90
CA ILE A 366 17.33 32.45 -14.92
C ILE A 366 18.03 33.62 -14.27
N ASP A 367 17.34 34.34 -13.39
CA ASP A 367 17.95 35.50 -12.73
C ASP A 367 19.19 35.12 -11.94
N GLY A 368 19.17 33.98 -11.25
CA GLY A 368 20.36 33.51 -10.55
C GLY A 368 21.52 33.28 -11.52
N ARG A 369 21.21 32.65 -12.64
CA ARG A 369 22.21 32.36 -13.67
C ARG A 369 22.74 33.60 -14.39
N LEU A 370 21.90 34.63 -14.54
CA LEU A 370 22.36 35.96 -15.04
C LEU A 370 23.26 36.71 -14.06
N ALA A 371 23.06 36.44 -12.78
CA ALA A 371 23.87 37.07 -11.72
C ALA A 371 25.29 36.50 -11.66
N LYS A 372 25.40 35.17 -11.78
CA LYS A 372 26.68 34.45 -11.67
C LYS A 372 27.47 34.59 -12.97
N LEU A 373 26.80 34.58 -14.13
CA LEU A 373 27.47 34.86 -15.41
C LEU A 373 28.27 36.17 -15.39
N ASN A 374 28.18 36.93 -14.30
CA ASN A 374 29.09 38.05 -14.11
C ASN A 374 29.89 37.97 -12.81
N TYR B 6 -21.37 36.96 7.12
CA TYR B 6 -20.70 37.94 6.22
C TYR B 6 -21.47 38.07 4.92
N ASP B 7 -21.41 39.26 4.30
CA ASP B 7 -21.97 39.54 2.96
C ASP B 7 -20.96 39.32 1.79
N HIS B 8 -19.73 39.79 1.95
CA HIS B 8 -18.71 39.66 0.93
C HIS B 8 -17.41 39.23 1.59
N LEU B 9 -16.57 38.57 0.79
CA LEU B 9 -15.23 38.15 1.20
C LEU B 9 -14.28 38.53 0.11
N PHE B 10 -13.13 39.08 0.50
CA PHE B 10 -12.11 39.52 -0.41
C PHE B 10 -10.78 39.09 0.15
N LYS B 11 -9.84 38.93 -0.76
CA LYS B 11 -8.58 38.29 -0.53
C LYS B 11 -7.58 39.30 -0.98
N LEU B 12 -6.67 39.68 -0.09
CA LEU B 12 -5.62 40.61 -0.45
C LEU B 12 -4.24 39.96 -0.24
N LEU B 13 -3.27 40.47 -1.00
CA LEU B 13 -1.84 40.20 -0.80
C LEU B 13 -1.17 41.48 -0.33
N ILE B 14 -0.18 41.34 0.54
CA ILE B 14 0.71 42.46 0.81
C ILE B 14 2.05 42.03 0.30
N ILE B 15 2.65 42.83 -0.57
CA ILE B 15 4.00 42.52 -1.04
C ILE B 15 4.93 43.66 -0.68
N GLY B 16 6.21 43.31 -0.58
CA GLY B 16 7.31 44.20 -0.34
C GLY B 16 8.51 43.53 0.34
N ASP B 17 9.68 44.18 0.21
CA ASP B 17 10.91 43.71 0.88
C ASP B 17 10.68 43.48 2.39
N SER B 18 11.35 42.48 2.95
CA SER B 18 11.38 42.32 4.40
C SER B 18 12.10 43.55 4.95
N GLY B 19 11.67 44.01 6.13
CA GLY B 19 12.21 45.26 6.67
C GLY B 19 11.51 46.53 6.21
N VAL B 20 10.35 46.41 5.57
CA VAL B 20 9.54 47.60 5.20
C VAL B 20 8.38 47.83 6.15
N GLY B 21 8.14 46.88 7.06
CA GLY B 21 7.10 47.02 8.08
C GLY B 21 5.79 46.34 7.74
N LYS B 22 5.85 45.37 6.83
CA LYS B 22 4.65 44.66 6.45
C LYS B 22 3.98 44.06 7.66
N SER B 23 4.74 43.54 8.61
CA SER B 23 4.10 42.85 9.72
C SER B 23 3.46 43.84 10.68
N SER B 24 4.08 45.01 10.86
CA SER B 24 3.45 46.08 11.61
C SER B 24 2.12 46.53 10.92
N LEU B 25 2.16 46.69 9.61
CA LEU B 25 0.93 46.97 8.86
C LEU B 25 -0.15 45.88 9.01
N LEU B 26 0.28 44.62 9.02
CA LEU B 26 -0.65 43.52 9.24
C LEU B 26 -1.23 43.55 10.63
N LEU B 27 -0.46 43.98 11.62
CA LEU B 27 -1.01 44.19 12.99
C LEU B 27 -2.09 45.28 13.03
N ARG B 28 -1.92 46.32 12.22
CA ARG B 28 -2.91 47.43 12.22
C ARG B 28 -4.15 46.99 11.49
N PHE B 29 -3.94 46.12 10.50
CA PHE B 29 -5.02 45.61 9.67
C PHE B 29 -5.95 44.74 10.49
N ALA B 30 -5.38 43.81 11.24
CA ALA B 30 -6.14 42.76 11.89
C ALA B 30 -7.16 43.30 12.87
N ASP B 31 -8.34 42.68 12.91
CA ASP B 31 -9.30 42.84 14.00
C ASP B 31 -8.74 42.49 15.41
N ASN B 32 -7.88 41.46 15.48
CA ASN B 32 -7.68 40.64 16.70
C ASN B 32 -6.34 40.81 17.48
N THR B 33 -5.24 40.40 16.85
CA THR B 33 -3.90 40.07 17.46
C THR B 33 -3.73 38.57 17.69
N SER B 37 2.20 36.35 14.50
CA SER B 37 2.54 36.00 13.11
C SER B 37 3.19 34.59 12.90
N TYR B 38 2.89 33.97 11.77
CA TYR B 38 3.48 32.67 11.39
C TYR B 38 4.51 32.80 10.27
N ILE B 39 4.87 34.03 9.96
CA ILE B 39 5.76 34.33 8.85
C ILE B 39 7.14 33.67 9.05
N THR B 40 7.58 33.48 10.31
CA THR B 40 8.91 32.91 10.59
C THR B 40 8.76 31.46 11.01
N THR B 41 7.56 30.91 10.82
CA THR B 41 7.26 29.52 11.15
C THR B 41 7.06 28.77 9.85
N ILE B 42 6.05 29.18 9.07
CA ILE B 42 5.77 28.53 7.80
C ILE B 42 5.94 29.41 6.59
N GLY B 43 6.63 30.55 6.75
CA GLY B 43 6.92 31.48 5.66
C GLY B 43 5.71 32.18 5.09
N VAL B 44 4.59 32.15 5.81
CA VAL B 44 3.34 32.71 5.36
C VAL B 44 2.52 33.21 6.58
N ASP B 45 1.72 34.25 6.39
CA ASP B 45 0.82 34.74 7.43
C ASP B 45 -0.42 35.38 6.83
N PHE B 46 -1.56 35.25 7.49
CA PHE B 46 -2.76 35.94 7.03
C PHE B 46 -3.44 36.62 8.20
N LYS B 47 -4.03 37.79 7.92
CA LYS B 47 -4.81 38.50 8.92
C LYS B 47 -6.23 38.82 8.43
N ILE B 48 -7.16 38.92 9.38
CA ILE B 48 -8.55 39.11 9.05
C ILE B 48 -8.98 40.49 9.53
N ARG B 49 -9.57 41.25 8.61
CA ARG B 49 -10.21 42.50 8.93
C ARG B 49 -11.69 42.42 8.51
N THR B 50 -12.58 42.77 9.43
CA THR B 50 -14.00 42.92 9.10
C THR B 50 -14.39 44.43 9.11
N VAL B 51 -15.08 44.88 8.05
CA VAL B 51 -15.53 46.27 7.96
C VAL B 51 -16.92 46.34 7.32
N GLU B 52 -17.72 47.34 7.72
CA GLU B 52 -19.03 47.64 7.09
C GLU B 52 -18.99 48.88 6.17
N ILE B 53 -19.05 48.67 4.85
CA ILE B 53 -19.10 49.76 3.88
C ILE B 53 -20.52 49.93 3.28
N ASN B 54 -21.20 50.98 3.74
CA ASN B 54 -22.59 51.31 3.36
C ASN B 54 -23.59 50.19 3.72
N GLY B 55 -23.50 49.70 4.96
CA GLY B 55 -24.45 48.70 5.51
C GLY B 55 -24.01 47.25 5.26
N GLU B 56 -23.17 47.06 4.26
CA GLU B 56 -22.67 45.76 3.86
C GLU B 56 -21.52 45.23 4.73
N LYS B 57 -21.63 43.97 5.18
CA LYS B 57 -20.55 43.34 5.95
C LYS B 57 -19.45 42.74 5.07
N VAL B 58 -18.21 43.17 5.26
CA VAL B 58 -17.15 42.72 4.42
C VAL B 58 -16.03 42.16 5.30
N LYS B 59 -15.52 41.00 4.89
CA LYS B 59 -14.42 40.33 5.56
C LYS B 59 -13.26 40.38 4.57
N LEU B 60 -12.14 40.95 4.99
CA LEU B 60 -10.93 40.96 4.17
C LEU B 60 -9.90 40.02 4.85
N GLN B 61 -9.29 39.14 4.07
CA GLN B 61 -8.14 38.37 4.55
C GLN B 61 -6.92 38.78 3.75
N ILE B 62 -5.83 39.13 4.42
CA ILE B 62 -4.63 39.54 3.70
C ILE B 62 -3.45 38.57 3.94
N TRP B 63 -2.68 38.28 2.87
CA TRP B 63 -1.63 37.27 2.92
C TRP B 63 -0.25 37.85 2.65
N ASP B 64 0.70 37.47 3.49
CA ASP B 64 2.10 37.83 3.29
C ASP B 64 2.89 36.57 3.23
N THR B 65 4.02 36.59 2.51
CA THR B 65 5.01 35.51 2.54
C THR B 65 6.43 36.02 2.79
N ALA B 66 7.34 35.11 3.20
CA ALA B 66 8.69 35.49 3.66
C ALA B 66 9.60 35.70 2.52
N GLY B 67 10.64 36.50 2.75
CA GLY B 67 11.75 36.65 1.83
C GLY B 67 11.41 37.20 0.46
N GLN B 68 10.33 37.97 0.34
CA GLN B 68 9.90 38.44 -1.01
C GLN B 68 11.02 39.27 -1.68
N GLU B 69 11.89 39.91 -0.88
CA GLU B 69 12.97 40.74 -1.42
C GLU B 69 13.91 40.04 -2.37
N ARG B 70 13.96 38.72 -2.33
CA ARG B 70 14.81 37.96 -3.26
C ARG B 70 14.16 37.80 -4.61
N PHE B 71 12.88 38.13 -4.72
CA PHE B 71 12.27 38.14 -6.02
C PHE B 71 12.59 39.47 -6.77
N ARG B 72 13.51 39.45 -7.74
CA ARG B 72 13.64 40.62 -8.60
C ARG B 72 12.23 40.98 -9.13
N THR B 73 11.53 39.97 -9.68
CA THR B 73 10.16 40.17 -10.16
C THR B 73 9.25 39.09 -9.58
N ILE B 74 8.13 39.49 -8.98
CA ILE B 74 7.10 38.54 -8.55
C ILE B 74 6.15 38.27 -9.74
N THR B 75 6.06 37.00 -10.16
CA THR B 75 5.41 36.64 -11.41
C THR B 75 3.92 36.44 -11.25
N SER B 76 3.24 36.34 -12.39
CA SER B 76 1.77 36.32 -12.41
C SER B 76 1.11 35.18 -11.64
N THR B 77 1.81 34.07 -11.48
CA THR B 77 1.23 32.92 -10.71
C THR B 77 0.91 33.26 -9.24
N TYR B 78 1.66 34.23 -8.70
CA TYR B 78 1.52 34.64 -7.31
C TYR B 78 0.13 35.21 -7.06
N TYR B 79 -0.47 35.87 -8.06
CA TYR B 79 -1.67 36.67 -7.82
C TYR B 79 -2.97 36.00 -8.10
N ARG B 80 -2.95 34.73 -8.51
CA ARG B 80 -4.20 34.06 -8.89
C ARG B 80 -5.13 33.98 -7.70
N GLY B 81 -6.39 34.24 -7.94
CA GLY B 81 -7.37 34.19 -6.88
C GLY B 81 -7.47 35.41 -6.00
N THR B 82 -6.58 36.39 -6.22
CA THR B 82 -6.48 37.55 -5.34
C THR B 82 -7.21 38.75 -5.96
N HIS B 83 -7.92 39.48 -5.09
CA HIS B 83 -8.70 40.64 -5.49
C HIS B 83 -7.89 41.92 -5.47
N GLY B 84 -6.99 42.05 -4.50
CA GLY B 84 -6.24 43.29 -4.32
C GLY B 84 -4.89 43.16 -3.67
N VAL B 85 -3.99 44.07 -4.04
CA VAL B 85 -2.62 44.02 -3.58
C VAL B 85 -2.21 45.33 -2.93
N ILE B 86 -1.47 45.23 -1.83
CA ILE B 86 -0.89 46.39 -1.21
C ILE B 86 0.61 46.26 -1.42
N VAL B 87 1.14 47.06 -2.35
CA VAL B 87 2.57 47.02 -2.65
C VAL B 87 3.33 48.04 -1.79
N VAL B 88 4.15 47.53 -0.87
CA VAL B 88 4.80 48.38 0.15
C VAL B 88 6.30 48.52 -0.07
N TYR B 89 6.74 49.79 -0.06
CA TYR B 89 8.15 50.10 0.03
C TYR B 89 8.40 50.90 1.31
N ASP B 90 9.70 51.12 1.57
CA ASP B 90 10.22 51.78 2.77
C ASP B 90 10.85 53.09 2.30
N VAL B 91 10.33 54.20 2.79
CA VAL B 91 10.74 55.51 2.25
C VAL B 91 12.18 55.87 2.60
N THR B 92 12.79 55.12 3.53
CA THR B 92 14.20 55.25 3.93
C THR B 92 15.16 54.32 3.18
N SER B 93 14.66 53.61 2.16
CA SER B 93 15.44 52.60 1.41
C SER B 93 15.10 52.69 -0.07
N ALA B 94 16.04 53.19 -0.87
CA ALA B 94 15.83 53.38 -2.32
C ALA B 94 15.64 52.06 -3.08
N GLU B 95 16.35 51.02 -2.64
CA GLU B 95 16.25 49.68 -3.22
C GLU B 95 14.85 49.06 -3.07
N SER B 96 14.20 49.28 -1.93
CA SER B 96 12.83 48.80 -1.77
C SER B 96 11.87 49.41 -2.81
N PHE B 97 12.11 50.65 -3.20
CA PHE B 97 11.28 51.31 -4.20
C PHE B 97 11.50 50.75 -5.63
N VAL B 98 12.76 50.67 -6.05
CA VAL B 98 13.11 50.11 -7.37
C VAL B 98 12.47 48.76 -7.65
N ASN B 99 12.50 47.88 -6.64
CA ASN B 99 11.90 46.57 -6.74
C ASN B 99 10.42 46.73 -6.96
N VAL B 100 9.81 47.63 -6.18
CA VAL B 100 8.38 47.79 -6.20
C VAL B 100 7.88 48.28 -7.55
N LYS B 101 8.71 49.08 -8.22
CA LYS B 101 8.41 49.51 -9.60
C LYS B 101 8.39 48.30 -10.56
N ARG B 102 9.35 47.39 -10.41
CA ARG B 102 9.38 46.19 -11.26
C ARG B 102 8.13 45.33 -11.05
N TRP B 103 7.69 45.24 -9.81
CA TRP B 103 6.59 44.37 -9.50
C TRP B 103 5.32 44.94 -10.08
N LEU B 104 5.10 46.24 -9.88
CA LEU B 104 3.93 46.91 -10.42
C LEU B 104 3.93 46.96 -11.96
N HIS B 105 5.10 46.93 -12.60
CA HIS B 105 5.15 46.74 -14.04
C HIS B 105 4.66 45.35 -14.47
N GLU B 106 5.11 44.32 -13.76
CA GLU B 106 4.69 42.98 -14.08
C GLU B 106 3.18 42.86 -13.83
N ILE B 107 2.67 43.48 -12.77
CA ILE B 107 1.24 43.48 -12.48
C ILE B 107 0.46 44.15 -13.60
N ASN B 108 0.89 45.34 -13.99
CA ASN B 108 0.30 46.09 -15.07
C ASN B 108 0.23 45.29 -16.41
N GLN B 109 1.34 44.63 -16.74
CA GLN B 109 1.44 43.85 -17.97
C GLN B 109 0.65 42.51 -17.87
N ASN B 110 0.76 41.79 -16.75
CA ASN B 110 0.24 40.42 -16.69
C ASN B 110 -1.03 40.26 -15.81
N CYS B 111 -1.33 41.24 -14.95
CA CYS B 111 -2.48 41.10 -14.01
C CYS B 111 -3.31 42.36 -13.81
N ASP B 112 -3.61 43.07 -14.89
CA ASP B 112 -4.19 44.39 -14.75
C ASP B 112 -5.58 44.35 -14.08
N ASP B 113 -6.18 43.16 -13.99
CA ASP B 113 -7.50 42.97 -13.35
C ASP B 113 -7.45 43.10 -11.83
N VAL B 114 -6.23 43.04 -11.28
CA VAL B 114 -6.07 43.10 -9.84
C VAL B 114 -5.97 44.55 -9.44
N CYS B 115 -6.73 44.94 -8.42
CA CYS B 115 -6.56 46.26 -7.83
C CYS B 115 -5.29 46.29 -7.00
N ARG B 116 -4.54 47.36 -7.12
CA ARG B 116 -3.31 47.54 -6.37
C ARG B 116 -3.19 49.02 -6.00
N ILE B 117 -2.51 49.25 -4.87
CA ILE B 117 -2.17 50.57 -4.39
C ILE B 117 -0.72 50.50 -3.94
N LEU B 118 -0.01 51.62 -4.01
CA LEU B 118 1.39 51.74 -3.63
C LEU B 118 1.48 52.38 -2.23
N VAL B 119 2.38 51.90 -1.40
CA VAL B 119 2.43 52.37 -0.05
C VAL B 119 3.88 52.61 0.36
N GLY B 120 4.20 53.85 0.72
CA GLY B 120 5.48 54.22 1.33
C GLY B 120 5.40 54.22 2.84
N ASN B 121 5.89 53.15 3.46
CA ASN B 121 5.90 52.98 4.91
C ASN B 121 7.17 53.56 5.57
N LYS B 122 7.12 53.67 6.90
CA LYS B 122 8.18 54.27 7.70
C LYS B 122 8.40 55.76 7.38
N ASN B 123 7.31 56.44 7.05
CA ASN B 123 7.32 57.91 6.89
C ASN B 123 7.39 58.58 8.27
N ASP B 124 8.43 58.22 9.03
CA ASP B 124 8.57 58.59 10.44
C ASP B 124 9.83 59.34 10.76
N ASP B 125 10.93 59.00 10.08
CA ASP B 125 12.21 59.63 10.32
C ASP B 125 12.57 60.44 9.09
N PRO B 126 12.31 61.77 9.13
CA PRO B 126 12.74 62.69 8.07
C PRO B 126 14.25 62.57 7.80
N GLU B 127 15.06 62.55 8.85
CA GLU B 127 16.52 62.53 8.70
C GLU B 127 16.97 61.30 7.90
N ARG B 128 16.18 60.24 7.86
CA ARG B 128 16.57 59.02 7.16
C ARG B 128 15.84 58.76 5.81
N LYS B 129 14.90 59.63 5.42
CA LYS B 129 14.06 59.42 4.20
C LYS B 129 14.87 59.64 2.91
N VAL B 130 14.60 58.84 1.88
CA VAL B 130 15.34 58.93 0.60
C VAL B 130 14.42 58.92 -0.64
N VAL B 131 13.26 58.27 -0.56
CA VAL B 131 12.32 58.31 -1.67
C VAL B 131 11.44 59.53 -1.57
N GLU B 132 11.68 60.53 -2.43
CA GLU B 132 10.92 61.79 -2.37
C GLU B 132 9.46 61.56 -2.83
N THR B 133 8.56 62.34 -2.27
CA THR B 133 7.12 62.16 -2.46
C THR B 133 6.70 62.30 -3.91
N GLU B 134 7.17 63.36 -4.56
CA GLU B 134 6.86 63.63 -5.97
C GLU B 134 7.31 62.49 -6.91
N ASP B 135 8.41 61.81 -6.57
CA ASP B 135 8.87 60.67 -7.35
C ASP B 135 7.85 59.53 -7.37
N ALA B 136 7.50 59.06 -6.17
CA ALA B 136 6.54 57.99 -5.97
C ALA B 136 5.20 58.34 -6.56
N TYR B 137 4.75 59.56 -6.28
CA TYR B 137 3.52 60.13 -6.84
C TYR B 137 3.52 60.15 -8.39
N LYS B 138 4.68 60.35 -9.00
CA LYS B 138 4.78 60.41 -10.46
C LYS B 138 4.67 59.00 -11.05
N PHE B 139 5.33 58.04 -10.39
CA PHE B 139 5.23 56.63 -10.77
C PHE B 139 3.81 56.14 -10.56
N ALA B 140 3.27 56.42 -9.36
CA ALA B 140 1.86 56.11 -9.09
C ALA B 140 0.98 56.63 -10.21
N GLY B 141 1.18 57.90 -10.56
CA GLY B 141 0.46 58.59 -11.62
C GLY B 141 0.50 57.87 -12.94
N GLN B 142 1.68 57.43 -13.36
CA GLN B 142 1.79 56.77 -14.67
C GLN B 142 1.29 55.32 -14.67
N MET B 143 1.16 54.67 -13.52
CA MET B 143 0.52 53.34 -13.45
C MET B 143 -1.00 53.46 -13.27
N GLY B 144 -1.49 54.68 -13.12
CA GLY B 144 -2.92 54.87 -12.90
C GLY B 144 -3.36 54.34 -11.54
N ILE B 145 -2.48 54.41 -10.56
CA ILE B 145 -2.81 53.92 -9.22
C ILE B 145 -2.63 55.01 -8.14
N GLN B 146 -3.33 54.82 -7.03
CA GLN B 146 -3.27 55.72 -5.88
C GLN B 146 -2.11 55.37 -4.92
N LEU B 147 -1.53 56.39 -4.29
CA LEU B 147 -0.35 56.20 -3.42
C LEU B 147 -0.62 56.73 -1.99
N PHE B 148 -0.21 55.96 -0.98
CA PHE B 148 -0.27 56.43 0.38
C PHE B 148 1.12 56.33 1.07
N GLU B 149 1.46 57.38 1.81
CA GLU B 149 2.61 57.36 2.70
C GLU B 149 2.11 57.24 4.13
N THR B 150 2.69 56.29 4.84
CA THR B 150 2.15 55.86 6.10
C THR B 150 3.26 55.67 7.11
N SER B 151 2.85 55.63 8.37
CA SER B 151 3.70 55.13 9.43
C SER B 151 2.93 54.11 10.23
N ALA B 152 3.34 52.84 10.08
CA ALA B 152 2.78 51.75 10.87
C ALA B 152 3.18 51.92 12.32
N LYS B 153 4.37 52.48 12.58
CA LYS B 153 4.77 52.85 13.94
C LYS B 153 3.81 53.85 14.64
N GLU B 154 3.68 55.06 14.08
CA GLU B 154 2.87 56.12 14.70
C GLU B 154 1.39 55.93 14.41
N ASN B 155 1.06 55.00 13.51
CA ASN B 155 -0.32 54.80 13.04
C ASN B 155 -0.86 56.04 12.32
N VAL B 156 -0.19 56.43 11.24
CA VAL B 156 -0.57 57.60 10.49
C VAL B 156 -0.87 57.22 9.06
N ASN B 157 -2.07 57.59 8.61
CA ASN B 157 -2.51 57.39 7.22
C ASN B 157 -2.77 55.92 6.89
N VAL B 158 -2.62 55.03 7.88
CA VAL B 158 -2.76 53.60 7.66
C VAL B 158 -4.25 53.20 7.42
N GLU B 159 -5.16 53.70 8.27
CA GLU B 159 -6.59 53.45 8.11
C GLU B 159 -7.12 53.97 6.77
N GLU B 160 -6.66 55.15 6.40
CA GLU B 160 -6.99 55.73 5.10
C GLU B 160 -6.57 54.76 3.99
N MET B 161 -5.37 54.24 4.11
CA MET B 161 -4.80 53.36 3.09
C MET B 161 -5.63 52.07 2.96
N PHE B 162 -5.94 51.43 4.10
CA PHE B 162 -6.75 50.19 4.13
C PHE B 162 -8.15 50.38 3.59
N ASN B 163 -8.77 51.52 3.91
CA ASN B 163 -10.12 51.83 3.44
C ASN B 163 -10.18 52.07 1.91
N CYS B 164 -9.08 52.56 1.35
CA CYS B 164 -8.91 52.69 -0.11
C CYS B 164 -8.94 51.36 -0.85
N ILE B 165 -7.96 50.47 -0.57
CA ILE B 165 -7.92 49.14 -1.21
C ILE B 165 -9.26 48.39 -0.99
N THR B 166 -9.81 48.49 0.22
CA THR B 166 -11.09 47.87 0.53
C THR B 166 -12.21 48.38 -0.39
N GLU B 167 -12.26 49.69 -0.58
CA GLU B 167 -13.29 50.30 -1.42
C GLU B 167 -13.07 49.95 -2.89
N LEU B 168 -11.81 50.01 -3.35
CA LEU B 168 -11.45 49.64 -4.73
C LEU B 168 -11.98 48.24 -5.06
N VAL B 169 -11.75 47.30 -4.14
CA VAL B 169 -12.08 45.92 -4.40
C VAL B 169 -13.59 45.75 -4.41
N LEU B 170 -14.28 46.40 -3.47
CA LEU B 170 -15.73 46.31 -3.43
C LEU B 170 -16.36 46.84 -4.74
N ARG B 171 -15.78 47.91 -5.31
CA ARG B 171 -16.32 48.54 -6.53
C ARG B 171 -16.01 47.70 -7.77
N ALA B 172 -14.81 47.10 -7.85
CA ALA B 172 -14.48 46.24 -8.99
C ALA B 172 -15.55 45.13 -9.11
N LYS B 173 -15.87 44.56 -7.95
CA LYS B 173 -16.84 43.48 -7.83
C LYS B 173 -18.23 43.92 -8.29
N LYS B 174 -18.69 45.09 -7.85
CA LYS B 174 -20.01 45.59 -8.25
C LYS B 174 -20.02 46.13 -9.70
N ASP B 175 -18.89 46.67 -10.15
CA ASP B 175 -18.73 47.06 -11.56
C ASP B 175 -18.58 45.82 -12.48
N ASN B 176 -18.20 44.66 -11.94
CA ASN B 176 -18.24 43.42 -12.72
C ASN B 176 -19.69 42.90 -12.80
N LEU B 177 -20.35 42.80 -11.64
CA LEU B 177 -21.75 42.30 -11.60
C LEU B 177 -22.54 42.80 -12.79
N SER C 1 -21.29 -30.44 2.37
CA SER C 1 -21.21 -31.70 1.57
C SER C 1 -19.78 -32.26 1.56
N MET C 2 -19.62 -33.48 1.07
CA MET C 2 -18.29 -34.08 0.82
C MET C 2 -17.64 -33.48 -0.47
N ASP C 3 -18.39 -32.59 -1.12
CA ASP C 3 -18.12 -32.08 -2.46
C ASP C 3 -17.56 -30.64 -2.34
N CYS C 4 -18.35 -29.80 -1.70
CA CYS C 4 -18.10 -28.38 -1.53
C CYS C 4 -17.23 -28.14 -0.30
N ARG C 5 -16.44 -27.09 -0.34
CA ARG C 5 -15.52 -26.76 0.73
C ARG C 5 -16.03 -25.66 1.67
N THR C 6 -17.32 -25.39 1.60
CA THR C 6 -17.95 -24.43 2.47
C THR C 6 -18.64 -25.17 3.61
N LYS C 7 -18.48 -24.67 4.81
CA LYS C 7 -19.21 -25.19 5.93
C LYS C 7 -20.66 -24.82 5.75
N ALA C 8 -21.51 -25.83 5.58
CA ALA C 8 -22.95 -25.63 5.39
C ALA C 8 -23.57 -24.65 6.40
N ASN C 9 -23.64 -25.10 7.64
CA ASN C 9 -24.40 -24.37 8.65
C ASN C 9 -23.52 -23.90 9.79
N PRO C 10 -22.67 -22.89 9.53
CA PRO C 10 -21.79 -22.47 10.57
C PRO C 10 -22.53 -22.01 11.80
N ASP C 11 -21.81 -21.92 12.90
CA ASP C 11 -22.48 -21.50 14.14
C ASP C 11 -22.79 -20.03 14.01
N ARG C 12 -21.91 -19.28 13.37
CA ARG C 12 -22.03 -17.83 13.39
C ARG C 12 -21.78 -17.15 12.03
N THR C 13 -22.52 -16.06 11.82
CA THR C 13 -22.42 -15.23 10.62
C THR C 13 -20.96 -14.89 10.39
N PHE C 14 -20.26 -14.50 11.46
CA PHE C 14 -18.78 -14.39 11.43
C PHE C 14 -18.33 -14.70 12.86
N ASP C 15 -17.06 -14.99 12.99
CA ASP C 15 -16.47 -15.46 14.23
C ASP C 15 -15.55 -14.43 14.86
N LEU C 16 -14.89 -13.57 14.08
CA LEU C 16 -13.96 -12.59 14.62
C LEU C 16 -13.90 -11.37 13.70
N VAL C 17 -13.69 -10.21 14.31
CA VAL C 17 -13.38 -8.99 13.61
C VAL C 17 -12.16 -8.42 14.30
N LEU C 18 -11.17 -8.00 13.51
CA LEU C 18 -9.94 -7.44 14.05
C LEU C 18 -9.54 -6.20 13.29
N LYS C 19 -8.92 -5.27 14.02
CA LYS C 19 -8.13 -4.18 13.43
C LYS C 19 -6.70 -4.45 13.83
N VAL C 20 -5.83 -4.55 12.81
CA VAL C 20 -4.47 -4.98 12.99
C VAL C 20 -3.48 -3.97 12.41
N LYS C 21 -2.51 -3.59 13.22
CA LYS C 21 -1.42 -2.71 12.80
C LYS C 21 -0.30 -3.52 12.16
N CYS C 22 0.22 -3.03 11.04
CA CYS C 22 1.25 -3.77 10.31
C CYS C 22 2.52 -3.95 11.19
N HIS C 23 3.17 -5.12 11.15
CA HIS C 23 4.55 -5.30 11.68
C HIS C 23 5.57 -4.39 11.05
N ALA C 24 6.60 -4.07 11.84
CA ALA C 24 7.72 -3.21 11.41
C ALA C 24 8.69 -3.94 10.46
N SER C 25 8.99 -5.20 10.81
CA SER C 25 9.95 -6.07 10.10
C SER C 25 9.57 -7.53 10.32
N GLU C 26 10.17 -8.42 9.53
CA GLU C 26 9.96 -9.88 9.68
C GLU C 26 10.21 -10.41 11.12
N ASN C 27 11.10 -9.75 11.85
CA ASN C 27 11.41 -10.14 13.23
C ASN C 27 10.22 -10.22 14.19
N GLU C 28 9.11 -9.55 13.86
CA GLU C 28 8.04 -9.34 14.83
C GLU C 28 6.68 -9.46 14.21
N ASP C 29 5.68 -9.70 15.06
CA ASP C 29 4.32 -9.88 14.62
C ASP C 29 3.47 -8.58 14.62
N PRO C 30 2.50 -8.49 13.70
CA PRO C 30 1.60 -7.31 13.63
C PRO C 30 0.85 -7.21 14.94
N VAL C 31 0.48 -6.00 15.35
CA VAL C 31 -0.23 -5.83 16.60
C VAL C 31 -1.79 -5.75 16.38
N VAL C 32 -2.49 -6.59 17.09
CA VAL C 32 -3.94 -6.46 17.18
C VAL C 32 -4.23 -5.29 18.04
N LEU C 33 -4.80 -4.25 17.45
CA LEU C 33 -5.28 -3.09 18.21
C LEU C 33 -6.62 -3.29 18.92
N TRP C 34 -7.48 -4.14 18.35
CA TRP C 34 -8.90 -4.19 18.72
C TRP C 34 -9.50 -5.43 18.03
N LYS C 35 -10.25 -6.21 18.78
CA LYS C 35 -10.97 -7.36 18.23
C LYS C 35 -12.38 -7.48 18.83
N PHE C 36 -13.28 -8.07 18.07
CA PHE C 36 -14.60 -8.44 18.56
C PHE C 36 -14.85 -9.88 18.08
N PRO C 37 -15.38 -10.75 18.97
CA PRO C 37 -15.69 -10.50 20.41
C PRO C 37 -14.43 -10.32 21.25
N GLU C 38 -14.49 -9.46 22.27
CA GLU C 38 -13.34 -9.18 23.15
C GLU C 38 -12.69 -10.41 23.76
N ASP C 39 -13.51 -11.36 24.19
CA ASP C 39 -13.06 -12.58 24.82
C ASP C 39 -12.82 -13.70 23.79
N PHE C 40 -12.63 -13.36 22.52
CA PHE C 40 -12.35 -14.41 21.55
C PHE C 40 -11.23 -15.28 22.12
N GLY C 41 -11.42 -16.60 22.07
CA GLY C 41 -10.55 -17.54 22.77
C GLY C 41 -9.60 -18.42 21.98
N ASP C 42 -9.66 -18.41 20.65
CA ASP C 42 -8.81 -19.33 19.89
C ASP C 42 -7.46 -18.64 19.59
N GLN C 43 -6.47 -18.93 20.43
CA GLN C 43 -5.15 -18.27 20.36
C GLN C 43 -4.42 -18.67 19.10
N GLU C 44 -4.70 -19.85 18.57
CA GLU C 44 -4.10 -20.22 17.28
C GLU C 44 -4.52 -19.27 16.16
N ILE C 45 -5.80 -18.92 16.14
CA ILE C 45 -6.31 -18.00 15.10
C ILE C 45 -5.88 -16.54 15.39
N LEU C 46 -5.85 -16.16 16.67
CA LEU C 46 -5.32 -14.87 17.06
C LEU C 46 -3.83 -14.70 16.64
N GLN C 47 -3.05 -15.78 16.59
CA GLN C 47 -1.66 -15.68 16.10
C GLN C 47 -1.58 -15.65 14.62
N SER C 48 -2.31 -16.52 13.94
CA SER C 48 -2.20 -16.64 12.47
C SER C 48 -2.90 -15.52 11.70
N VAL C 49 -4.07 -15.03 12.12
CA VAL C 49 -4.78 -14.13 11.24
C VAL C 49 -4.05 -12.79 10.95
N PRO C 50 -3.49 -12.15 11.99
CA PRO C 50 -2.67 -10.95 11.73
C PRO C 50 -1.58 -11.12 10.69
N LYS C 51 -0.98 -12.28 10.61
CA LYS C 51 0.10 -12.53 9.59
C LYS C 51 -0.50 -12.64 8.20
N PHE C 52 -1.77 -13.07 8.14
CA PHE C 52 -2.39 -13.18 6.84
C PHE C 52 -2.98 -11.83 6.42
N CYS C 53 -3.18 -10.94 7.39
CA CYS C 53 -3.58 -9.56 7.11
C CYS C 53 -2.44 -8.78 6.37
N PHE C 54 -1.22 -9.19 6.54
CA PHE C 54 -0.13 -8.47 5.87
C PHE C 54 0.78 -9.48 5.25
N PRO C 55 0.29 -10.24 4.27
CA PRO C 55 1.02 -11.36 3.67
C PRO C 55 1.99 -10.95 2.59
N PHE C 56 2.92 -10.09 2.96
CA PHE C 56 3.82 -9.54 1.99
C PHE C 56 5.08 -9.16 2.71
N ASP C 57 6.11 -8.90 1.95
CA ASP C 57 7.38 -8.52 2.49
C ASP C 57 7.48 -7.00 2.70
N VAL C 58 7.35 -6.56 3.95
CA VAL C 58 7.30 -5.16 4.24
C VAL C 58 8.56 -4.39 3.86
N GLU C 59 9.72 -5.01 3.91
CA GLU C 59 10.94 -4.29 3.47
C GLU C 59 10.94 -4.03 1.97
N ARG C 60 10.39 -4.95 1.20
CA ARG C 60 10.52 -4.86 -0.26
C ARG C 60 9.29 -4.24 -0.93
N VAL C 61 8.26 -3.87 -0.16
CA VAL C 61 7.12 -3.19 -0.77
C VAL C 61 6.39 -2.21 0.17
N SER C 62 5.97 -1.12 -0.44
CA SER C 62 5.24 -0.04 0.19
C SER C 62 3.84 -0.58 0.49
N GLN C 63 3.43 -0.54 1.73
CA GLN C 63 2.12 -0.99 2.13
C GLN C 63 0.92 -0.40 1.33
N ASN C 64 1.06 0.80 0.80
CA ASN C 64 -0.06 1.50 0.11
C ASN C 64 -0.20 1.02 -1.35
N GLN C 65 0.62 0.03 -1.74
CA GLN C 65 0.80 -0.36 -3.14
C GLN C 65 0.36 -1.84 -3.43
N VAL C 66 -0.24 -2.53 -2.47
CA VAL C 66 -0.65 -3.90 -2.63
C VAL C 66 -2.19 -4.07 -2.75
N GLY C 67 -2.89 -3.01 -3.13
CA GLY C 67 -4.34 -3.05 -3.21
C GLY C 67 -4.98 -2.80 -1.87
N GLN C 68 -6.31 -2.66 -1.91
CA GLN C 68 -7.09 -2.14 -0.79
C GLN C 68 -7.99 -3.21 -0.16
N HIS C 69 -8.26 -4.31 -0.87
CA HIS C 69 -9.23 -5.36 -0.45
C HIS C 69 -8.70 -6.73 -0.94
N PHE C 70 -8.90 -7.77 -0.14
CA PHE C 70 -8.54 -9.13 -0.48
C PHE C 70 -9.13 -10.14 0.48
N THR C 71 -9.15 -11.42 0.06
CA THR C 71 -9.74 -12.45 0.90
C THR C 71 -8.85 -13.60 1.02
N PHE C 72 -8.26 -13.80 2.20
CA PHE C 72 -7.46 -15.00 2.49
C PHE C 72 -8.36 -16.12 2.92
N VAL C 73 -7.83 -17.33 2.85
CA VAL C 73 -8.58 -18.49 3.38
C VAL C 73 -7.66 -19.28 4.29
N LEU C 74 -8.19 -19.64 5.45
CA LEU C 74 -7.66 -20.64 6.32
C LEU C 74 -8.53 -21.91 6.24
N THR C 75 -7.90 -23.08 6.17
CA THR C 75 -8.60 -24.35 6.01
C THR C 75 -8.60 -25.04 7.33
N ASP C 76 -9.78 -25.49 7.83
CA ASP C 76 -9.89 -26.13 9.08
C ASP C 76 -9.64 -27.65 9.04
N ILE C 77 -9.77 -28.29 10.19
CA ILE C 77 -9.64 -29.76 10.32
C ILE C 77 -10.49 -30.61 9.35
N GLU C 78 -11.64 -30.09 8.90
CA GLU C 78 -12.50 -30.80 7.94
C GLU C 78 -12.22 -30.46 6.47
N SER C 79 -11.18 -29.66 6.23
CA SER C 79 -10.91 -29.01 4.96
C SER C 79 -11.94 -27.95 4.52
N LYS C 80 -12.76 -27.46 5.44
CA LYS C 80 -13.69 -26.36 5.15
C LYS C 80 -13.03 -24.99 5.25
N GLN C 81 -13.54 -24.01 4.50
CA GLN C 81 -12.90 -22.69 4.36
C GLN C 81 -13.34 -21.61 5.31
N ARG C 82 -12.36 -21.03 5.98
CA ARG C 82 -12.60 -19.86 6.83
C ARG C 82 -12.16 -18.70 6.04
N PHE C 83 -13.11 -17.84 5.64
CA PHE C 83 -12.75 -16.68 4.73
C PHE C 83 -12.28 -15.46 5.53
N GLY C 84 -11.13 -14.98 5.21
CA GLY C 84 -10.59 -13.76 5.81
C GLY C 84 -10.74 -12.54 4.92
N PHE C 85 -11.85 -11.83 5.10
CA PHE C 85 -12.16 -10.65 4.30
C PHE C 85 -11.40 -9.42 4.89
N CYS C 86 -10.49 -8.84 4.10
CA CYS C 86 -9.58 -7.79 4.58
C CYS C 86 -9.77 -6.57 3.77
N ARG C 87 -9.73 -5.43 4.47
CA ARG C 87 -9.69 -4.10 3.83
C ARG C 87 -8.54 -3.36 4.48
N LEU C 88 -7.57 -2.93 3.68
CA LEU C 88 -6.42 -2.20 4.18
C LEU C 88 -6.80 -0.73 4.28
N THR C 89 -6.40 -0.08 5.35
CA THR C 89 -6.66 1.36 5.53
C THR C 89 -5.40 2.02 6.04
N SER C 90 -5.47 3.35 6.13
CA SER C 90 -4.34 4.15 6.57
C SER C 90 -3.05 3.85 5.70
N GLY C 91 -3.20 3.88 4.39
CA GLY C 91 -2.09 3.60 3.42
C GLY C 91 -1.50 2.23 3.61
N GLY C 92 -2.30 1.30 4.13
CA GLY C 92 -1.91 -0.07 4.25
C GLY C 92 -1.18 -0.38 5.54
N THR C 93 -1.21 0.58 6.49
CA THR C 93 -0.66 0.34 7.83
C THR C 93 -1.63 -0.37 8.77
N ILE C 94 -2.91 -0.35 8.40
CA ILE C 94 -3.97 -0.85 9.23
C ILE C 94 -4.78 -1.84 8.37
N CYS C 95 -5.27 -2.92 8.96
CA CYS C 95 -6.10 -3.84 8.25
C CYS C 95 -7.29 -4.17 9.09
N LEU C 96 -8.47 -4.10 8.48
CA LEU C 96 -9.69 -4.57 9.13
C LEU C 96 -9.99 -5.91 8.46
N CYS C 97 -10.30 -6.88 9.28
CA CYS C 97 -10.48 -8.24 8.83
C CYS C 97 -11.70 -8.85 9.48
N ILE C 98 -12.56 -9.44 8.64
CA ILE C 98 -13.67 -10.21 9.18
C ILE C 98 -13.44 -11.64 8.85
N LEU C 99 -13.54 -12.51 9.86
CA LEU C 99 -13.36 -13.94 9.62
C LEU C 99 -14.70 -14.62 9.72
N SER C 100 -15.06 -15.31 8.63
CA SER C 100 -16.38 -15.95 8.53
C SER C 100 -16.26 -17.23 7.74
N TYR C 101 -17.06 -18.22 8.10
CA TYR C 101 -17.23 -19.39 7.22
C TYR C 101 -18.09 -19.08 5.98
N LEU C 102 -18.82 -17.96 5.96
CA LEU C 102 -19.78 -17.68 4.87
C LEU C 102 -19.07 -17.01 3.72
N PRO C 103 -19.27 -17.54 2.50
CA PRO C 103 -18.46 -17.06 1.39
C PRO C 103 -19.01 -15.74 0.80
N TRP C 104 -19.44 -14.80 1.66
CA TRP C 104 -20.20 -13.63 1.22
C TRP C 104 -19.26 -12.47 0.80
N PHE C 105 -18.60 -12.64 -0.35
CA PHE C 105 -17.56 -11.67 -0.74
C PHE C 105 -18.16 -10.28 -0.91
N GLU C 106 -19.28 -10.17 -1.63
CA GLU C 106 -19.77 -8.83 -1.98
C GLU C 106 -20.40 -8.11 -0.78
N VAL C 107 -21.12 -8.86 0.04
CA VAL C 107 -21.59 -8.36 1.31
C VAL C 107 -20.44 -7.89 2.24
N TYR C 108 -19.45 -8.73 2.50
CA TYR C 108 -18.46 -8.38 3.51
C TYR C 108 -17.53 -7.28 3.03
N TYR C 109 -17.38 -7.18 1.72
CA TYR C 109 -16.63 -6.08 1.09
C TYR C 109 -17.34 -4.79 1.48
N LYS C 110 -18.63 -4.78 1.23
CA LYS C 110 -19.38 -3.61 1.52
C LYS C 110 -19.33 -3.31 3.01
N LEU C 111 -19.48 -4.34 3.82
CA LEU C 111 -19.47 -4.14 5.27
C LEU C 111 -18.10 -3.57 5.73
N LEU C 112 -17.02 -4.04 5.12
CA LEU C 112 -15.72 -3.59 5.54
C LEU C 112 -15.64 -2.10 5.27
N ASN C 113 -16.15 -1.65 4.11
CA ASN C 113 -16.05 -0.23 3.76
C ASN C 113 -16.90 0.58 4.73
N THR C 114 -17.98 -0.03 5.20
CA THR C 114 -18.91 0.64 6.14
C THR C 114 -18.27 0.69 7.52
N LEU C 115 -17.62 -0.38 7.95
CA LEU C 115 -16.88 -0.29 9.20
C LEU C 115 -15.74 0.74 9.06
N ALA C 116 -15.08 0.80 7.89
CA ALA C 116 -13.97 1.76 7.71
C ALA C 116 -14.44 3.20 7.81
N ASP C 117 -15.68 3.46 7.41
CA ASP C 117 -16.20 4.81 7.41
C ASP C 117 -16.72 5.20 8.82
N TYR C 118 -17.28 4.23 9.54
CA TYR C 118 -17.68 4.39 10.97
C TYR C 118 -16.41 4.67 11.83
N LEU C 119 -15.33 3.90 11.63
CA LEU C 119 -14.08 4.17 12.36
C LEU C 119 -13.49 5.57 12.10
N ALA C 120 -13.41 5.97 10.83
CA ALA C 120 -13.04 7.37 10.46
C ALA C 120 -13.97 8.46 10.96
N LYS C 121 -15.26 8.18 11.05
CA LYS C 121 -16.21 9.18 11.56
C LYS C 121 -16.43 8.99 13.08
N GLU C 122 -15.61 8.15 13.71
CA GLU C 122 -15.59 8.00 15.17
C GLU C 122 -16.99 7.69 15.73
N LEU C 123 -17.70 6.80 15.03
CA LEU C 123 -19.05 6.41 15.48
C LEU C 123 -18.89 5.04 16.12
N GLU C 124 -18.66 5.05 17.44
CA GLU C 124 -18.33 3.81 18.14
C GLU C 124 -19.58 2.94 18.42
N ASN C 125 -20.60 3.57 19.01
CA ASN C 125 -21.83 2.86 19.33
C ASN C 125 -22.41 2.09 18.12
N ASP C 126 -22.62 2.83 17.02
CA ASP C 126 -23.21 2.33 15.74
C ASP C 126 -22.41 1.19 15.10
N LEU C 127 -21.11 1.21 15.37
CA LEU C 127 -20.22 0.17 14.94
C LEU C 127 -20.44 -1.08 15.79
N ASN C 128 -20.50 -0.89 17.12
CA ASN C 128 -20.68 -2.00 18.06
C ASN C 128 -22.07 -2.60 17.89
N GLU C 129 -23.12 -1.77 17.96
CA GLU C 129 -24.46 -2.15 17.55
C GLU C 129 -24.55 -2.98 16.28
N THR C 130 -24.00 -2.48 15.16
CA THR C 130 -24.05 -3.19 13.90
C THR C 130 -23.33 -4.56 13.97
N LEU C 131 -22.11 -4.57 14.50
CA LEU C 131 -21.41 -5.85 14.82
C LEU C 131 -22.26 -6.79 15.71
N ARG C 132 -22.67 -6.30 16.87
CA ARG C 132 -23.44 -7.10 17.85
C ARG C 132 -24.69 -7.81 17.28
N SER C 133 -25.44 -7.03 16.52
CA SER C 133 -26.74 -7.42 15.97
C SER C 133 -26.53 -8.46 14.87
N LEU C 134 -25.47 -8.31 14.10
CA LEU C 134 -25.13 -9.29 13.04
C LEU C 134 -24.41 -10.54 13.57
N TYR C 135 -23.76 -10.39 14.72
CA TYR C 135 -23.10 -11.48 15.39
C TYR C 135 -24.10 -12.41 16.03
N ASN C 136 -25.05 -11.79 16.70
CA ASN C 136 -26.03 -12.57 17.44
C ASN C 136 -27.27 -12.95 16.60
N HIS C 137 -27.40 -12.36 15.42
CA HIS C 137 -28.33 -12.77 14.37
C HIS C 137 -28.02 -14.19 13.93
N PRO C 138 -29.00 -15.10 14.06
CA PRO C 138 -28.91 -16.40 13.45
C PRO C 138 -28.55 -16.23 11.99
N VAL C 139 -27.68 -17.10 11.50
CA VAL C 139 -27.26 -17.09 10.10
C VAL C 139 -28.49 -17.06 9.20
N PRO C 140 -28.60 -16.01 8.38
CA PRO C 140 -29.78 -15.93 7.54
C PRO C 140 -29.78 -16.98 6.44
N LYS C 141 -30.99 -17.47 6.13
CA LYS C 141 -31.26 -18.27 4.94
C LYS C 141 -31.02 -17.37 3.70
N ALA C 142 -31.03 -17.93 2.49
CA ALA C 142 -30.66 -17.13 1.30
C ALA C 142 -31.85 -16.29 0.85
N ASN C 143 -31.59 -15.20 0.13
CA ASN C 143 -32.70 -14.27 -0.24
C ASN C 143 -33.42 -13.63 0.94
N THR C 144 -32.82 -13.63 2.14
CA THR C 144 -33.40 -12.96 3.28
C THR C 144 -32.55 -11.81 3.78
N PRO C 145 -33.18 -10.90 4.57
CA PRO C 145 -32.69 -9.68 5.16
C PRO C 145 -31.74 -9.92 6.35
N VAL C 146 -30.60 -9.20 6.39
CA VAL C 146 -29.72 -9.22 7.57
C VAL C 146 -30.20 -8.38 8.80
N SER C 152 -29.98 0.30 6.82
CA SER C 152 -28.99 -0.19 5.86
C SER C 152 -28.86 -1.69 5.95
N TYR C 153 -29.55 -2.42 5.06
CA TYR C 153 -29.52 -3.90 5.07
C TYR C 153 -29.01 -4.52 3.76
N PHE C 154 -28.84 -5.84 3.77
CA PHE C 154 -28.58 -6.64 2.58
C PHE C 154 -29.49 -7.86 2.42
N ILE C 155 -29.44 -8.46 1.24
CA ILE C 155 -30.22 -9.66 0.95
C ILE C 155 -29.17 -10.76 0.92
N ALA C 156 -29.38 -11.83 1.70
CA ALA C 156 -28.35 -12.85 1.76
C ALA C 156 -28.30 -13.60 0.41
N PRO C 157 -27.11 -13.80 -0.09
CA PRO C 157 -26.91 -14.43 -1.42
C PRO C 157 -27.30 -15.91 -1.42
N ASP C 158 -27.72 -16.45 -2.57
CA ASP C 158 -27.98 -17.91 -2.68
C ASP C 158 -26.68 -18.70 -3.00
N VAL C 159 -26.67 -20.01 -2.72
CA VAL C 159 -25.50 -20.83 -3.06
C VAL C 159 -25.51 -21.29 -4.55
N THR C 160 -26.65 -21.12 -5.22
CA THR C 160 -26.87 -21.67 -6.57
C THR C 160 -26.42 -20.80 -7.76
N GLY C 161 -26.91 -19.55 -7.88
CA GLY C 161 -26.74 -18.74 -9.12
C GLY C 161 -25.28 -18.65 -9.62
N LEU C 162 -25.11 -18.53 -10.93
CA LEU C 162 -23.81 -18.34 -11.54
C LEU C 162 -23.33 -16.92 -11.26
N PRO C 163 -22.02 -16.75 -11.03
CA PRO C 163 -21.38 -15.43 -10.86
C PRO C 163 -21.51 -14.63 -12.13
N THR C 164 -21.70 -13.32 -11.97
CA THR C 164 -21.97 -12.40 -13.06
C THR C 164 -20.94 -11.28 -13.01
N ILE C 165 -20.71 -10.63 -14.15
CA ILE C 165 -19.79 -9.52 -14.21
C ILE C 165 -20.64 -8.30 -14.45
N PRO C 166 -20.41 -7.21 -13.70
CA PRO C 166 -19.39 -6.92 -12.70
C PRO C 166 -19.81 -7.25 -11.24
N GLU C 167 -20.98 -7.84 -11.03
CA GLU C 167 -21.47 -8.02 -9.68
C GLU C 167 -20.56 -8.86 -8.78
N SER C 168 -20.08 -10.01 -9.25
CA SER C 168 -19.13 -10.75 -8.41
C SER C 168 -17.72 -10.32 -8.66
N ARG C 169 -17.16 -9.72 -7.63
CA ARG C 169 -15.93 -9.03 -7.72
C ARG C 169 -14.77 -9.94 -8.07
N ASN C 170 -14.81 -11.21 -7.66
CA ASN C 170 -13.69 -12.10 -7.85
C ASN C 170 -13.55 -12.42 -9.33
N LEU C 171 -14.66 -12.80 -9.95
CA LEU C 171 -14.66 -13.18 -11.38
C LEU C 171 -14.38 -11.97 -12.29
N THR C 172 -14.96 -10.84 -11.93
CA THR C 172 -14.76 -9.60 -12.67
C THR C 172 -13.26 -9.25 -12.71
N GLU C 173 -12.66 -9.21 -11.53
CA GLU C 173 -11.22 -8.90 -11.46
C GLU C 173 -10.34 -9.95 -12.16
N TYR C 174 -10.67 -11.21 -12.00
CA TYR C 174 -9.97 -12.24 -12.71
C TYR C 174 -10.02 -12.02 -14.23
N PHE C 175 -11.22 -11.78 -14.73
CA PHE C 175 -11.47 -11.57 -16.14
C PHE C 175 -10.83 -10.28 -16.70
N VAL C 176 -10.77 -9.23 -15.89
CA VAL C 176 -10.12 -7.99 -16.29
C VAL C 176 -8.59 -8.15 -16.35
N ALA C 177 -8.05 -8.85 -15.35
CA ALA C 177 -6.61 -8.98 -15.12
C ALA C 177 -5.88 -10.00 -16.02
N VAL C 178 -6.54 -11.08 -16.37
CA VAL C 178 -5.87 -12.20 -16.99
C VAL C 178 -6.33 -12.42 -18.41
N ASP C 179 -5.39 -12.53 -19.37
CA ASP C 179 -5.70 -12.81 -20.78
C ASP C 179 -6.55 -14.07 -20.96
N VAL C 180 -7.37 -14.07 -21.99
CA VAL C 180 -8.18 -15.25 -22.30
C VAL C 180 -7.33 -16.52 -22.43
N ASN C 181 -6.18 -16.42 -23.06
CA ASN C 181 -5.28 -17.54 -23.25
C ASN C 181 -4.79 -18.11 -21.91
N ASN C 182 -4.56 -17.23 -20.94
CA ASN C 182 -4.13 -17.67 -19.63
C ASN C 182 -5.26 -18.21 -18.78
N MET C 183 -6.48 -17.73 -19.01
CA MET C 183 -7.66 -18.35 -18.33
C MET C 183 -7.78 -19.81 -18.83
N LEU C 184 -7.54 -20.01 -20.12
CA LEU C 184 -7.65 -21.34 -20.70
C LEU C 184 -6.59 -22.28 -20.12
N GLN C 185 -5.40 -21.71 -19.86
CA GLN C 185 -4.24 -22.47 -19.43
C GLN C 185 -4.39 -22.88 -18.00
N LEU C 186 -4.90 -21.96 -17.15
CA LEU C 186 -5.14 -22.26 -15.73
C LEU C 186 -6.20 -23.33 -15.61
N TYR C 187 -7.29 -23.14 -16.37
CA TYR C 187 -8.38 -24.12 -16.50
C TYR C 187 -7.89 -25.53 -16.85
N ALA C 188 -7.11 -25.64 -17.93
CA ALA C 188 -6.57 -26.94 -18.32
C ALA C 188 -5.69 -27.46 -17.22
N SER C 189 -4.87 -26.63 -16.60
CA SER C 189 -3.99 -27.11 -15.53
C SER C 189 -4.77 -27.64 -14.36
N MET C 190 -5.89 -26.97 -14.03
CA MET C 190 -6.72 -27.41 -12.93
C MET C 190 -7.31 -28.77 -13.23
N LEU C 191 -7.66 -28.97 -14.49
CA LEU C 191 -8.20 -30.23 -14.96
C LEU C 191 -7.14 -31.33 -15.10
N HIS C 192 -5.87 -31.02 -14.79
CA HIS C 192 -4.87 -32.07 -14.58
C HIS C 192 -4.35 -32.06 -13.14
N GLU C 193 -5.05 -31.33 -12.27
CA GLU C 193 -4.69 -31.17 -10.86
C GLU C 193 -3.19 -30.93 -10.64
N ARG C 194 -2.70 -29.93 -11.37
CA ARG C 194 -1.31 -29.48 -11.26
C ARG C 194 -1.08 -28.70 -9.99
N ARG C 195 0.19 -28.41 -9.71
CA ARG C 195 0.61 -27.50 -8.66
C ARG C 195 0.66 -26.13 -9.31
N ILE C 196 -0.25 -25.26 -8.89
CA ILE C 196 -0.43 -23.94 -9.52
C ILE C 196 -0.14 -22.78 -8.58
N VAL C 197 0.77 -21.91 -9.01
CA VAL C 197 1.07 -20.65 -8.32
C VAL C 197 0.63 -19.45 -9.14
N ILE C 198 -0.14 -18.58 -8.52
CA ILE C 198 -0.54 -17.34 -9.15
C ILE C 198 0.18 -16.22 -8.42
N ILE C 199 0.79 -15.30 -9.16
CA ILE C 199 1.55 -14.23 -8.57
C ILE C 199 1.05 -12.87 -8.99
N SER C 200 0.90 -11.94 -8.04
CA SER C 200 0.56 -10.55 -8.35
C SER C 200 1.16 -9.56 -7.37
N SER C 201 1.32 -8.31 -7.84
CA SER C 201 1.68 -7.19 -6.97
C SER C 201 0.51 -6.72 -6.12
N LYS C 202 -0.69 -7.12 -6.48
CA LYS C 202 -1.86 -6.70 -5.77
C LYS C 202 -2.61 -7.82 -5.14
N LEU C 203 -2.91 -7.69 -3.85
CA LEU C 203 -3.51 -8.76 -3.13
C LEU C 203 -5.01 -8.95 -3.53
N SER C 204 -5.66 -7.85 -3.90
CA SER C 204 -6.96 -7.82 -4.51
C SER C 204 -6.98 -8.68 -5.72
N THR C 205 -6.14 -8.36 -6.71
CA THR C 205 -6.04 -9.18 -7.90
C THR C 205 -5.66 -10.64 -7.61
N LEU C 206 -4.75 -10.85 -6.67
CA LEU C 206 -4.26 -12.16 -6.34
C LEU C 206 -5.34 -13.05 -5.91
N THR C 207 -6.02 -12.67 -4.83
CA THR C 207 -7.02 -13.53 -4.28
C THR C 207 -8.24 -13.67 -5.22
N ALA C 208 -8.53 -12.59 -5.94
CA ALA C 208 -9.62 -12.59 -6.92
C ALA C 208 -9.36 -13.63 -8.02
N CYS C 209 -8.10 -13.67 -8.52
CA CYS C 209 -7.73 -14.68 -9.49
C CYS C 209 -7.86 -16.08 -8.95
N ILE C 210 -7.46 -16.30 -7.70
CA ILE C 210 -7.51 -17.64 -7.14
C ILE C 210 -8.99 -18.06 -7.00
N HIS C 211 -9.78 -17.23 -6.34
CA HIS C 211 -11.19 -17.55 -6.13
C HIS C 211 -11.96 -17.71 -7.42
N GLY C 212 -11.80 -16.74 -8.33
CA GLY C 212 -12.53 -16.67 -9.59
C GLY C 212 -12.14 -17.84 -10.46
N SER C 213 -10.85 -18.13 -10.56
CA SER C 213 -10.43 -19.26 -11.42
C SER C 213 -11.02 -20.61 -10.91
N ALA C 214 -11.06 -20.79 -9.58
CA ALA C 214 -11.54 -22.05 -8.98
C ALA C 214 -13.04 -22.23 -9.15
N ALA C 215 -13.80 -21.14 -9.08
CA ALA C 215 -15.27 -21.17 -9.28
C ALA C 215 -15.68 -21.62 -10.68
N LEU C 216 -14.81 -21.41 -11.67
CA LEU C 216 -15.14 -21.84 -13.03
C LEU C 216 -15.05 -23.38 -13.27
N LEU C 217 -14.66 -24.14 -12.24
CA LEU C 217 -14.80 -25.61 -12.25
C LEU C 217 -16.21 -26.07 -12.02
N TYR C 218 -17.08 -25.21 -11.50
CA TYR C 218 -18.46 -25.58 -11.16
C TYR C 218 -19.06 -26.52 -12.22
N PRO C 219 -19.77 -27.59 -11.81
CA PRO C 219 -20.22 -27.98 -10.48
C PRO C 219 -19.13 -28.73 -9.69
N MET C 220 -17.91 -28.75 -10.18
CA MET C 220 -16.84 -29.33 -9.45
C MET C 220 -16.10 -28.28 -8.67
N TYR C 221 -15.39 -28.73 -7.64
CA TYR C 221 -14.62 -27.83 -6.78
C TYR C 221 -13.21 -28.38 -6.62
N TRP C 222 -12.26 -27.46 -6.38
CA TRP C 222 -10.88 -27.81 -6.14
C TRP C 222 -10.83 -28.43 -4.80
N GLN C 223 -10.19 -29.58 -4.70
CA GLN C 223 -10.31 -30.43 -3.49
C GLN C 223 -9.02 -30.47 -2.70
N HIS C 224 -7.96 -29.92 -3.28
CA HIS C 224 -6.65 -30.00 -2.61
C HIS C 224 -6.23 -28.69 -1.96
N ILE C 225 -4.93 -28.52 -1.78
CA ILE C 225 -4.39 -27.38 -1.09
C ILE C 225 -4.90 -26.11 -1.80
N TYR C 226 -5.38 -25.18 -0.99
CA TYR C 226 -6.08 -23.98 -1.44
C TYR C 226 -5.81 -22.83 -0.51
N ILE C 227 -4.87 -22.01 -0.97
CA ILE C 227 -4.33 -20.89 -0.26
C ILE C 227 -4.22 -19.63 -1.14
N PRO C 228 -5.29 -18.84 -1.15
CA PRO C 228 -5.39 -17.66 -2.00
C PRO C 228 -4.28 -16.64 -1.77
N VAL C 229 -3.80 -16.52 -0.54
CA VAL C 229 -2.58 -15.83 -0.33
C VAL C 229 -1.82 -16.51 0.84
N LEU C 230 -0.59 -16.85 0.51
CA LEU C 230 0.42 -17.50 1.35
C LEU C 230 1.41 -16.47 1.94
N PRO C 231 1.36 -16.27 3.27
CA PRO C 231 2.21 -15.32 3.94
C PRO C 231 3.66 -15.78 3.98
N PRO C 232 4.56 -14.83 4.17
CA PRO C 232 5.98 -15.12 4.16
C PRO C 232 6.48 -16.26 5.08
N HIS C 233 5.92 -16.40 6.29
CA HIS C 233 6.37 -17.46 7.20
C HIS C 233 5.94 -18.88 6.72
N LEU C 234 5.10 -18.97 5.68
CA LEU C 234 4.64 -20.27 5.18
C LEU C 234 5.15 -20.60 3.77
N LEU C 235 6.15 -19.88 3.25
CA LEU C 235 6.56 -20.08 1.86
C LEU C 235 7.04 -21.50 1.50
N ASP C 236 7.65 -22.18 2.47
CA ASP C 236 8.11 -23.56 2.31
C ASP C 236 7.00 -24.52 1.77
N TYR C 237 5.74 -24.17 2.00
CA TYR C 237 4.62 -24.99 1.57
C TYR C 237 4.46 -25.01 0.07
N CYS C 238 5.11 -24.11 -0.64
CA CYS C 238 5.19 -24.22 -2.10
C CYS C 238 5.94 -25.47 -2.55
N CYS C 239 6.78 -26.05 -1.69
CA CYS C 239 7.36 -27.33 -1.96
C CYS C 239 6.41 -28.54 -1.86
N ALA C 240 5.16 -28.39 -1.46
CA ALA C 240 4.26 -29.53 -1.36
C ALA C 240 4.27 -30.39 -2.66
N PRO C 241 4.41 -31.72 -2.51
CA PRO C 241 4.27 -32.64 -3.63
C PRO C 241 2.84 -32.77 -4.19
N MET C 242 1.83 -32.58 -3.35
CA MET C 242 0.42 -32.79 -3.71
C MET C 242 -0.17 -31.61 -4.43
N PRO C 243 -1.27 -31.83 -5.13
CA PRO C 243 -1.78 -30.76 -5.95
C PRO C 243 -2.13 -29.55 -5.10
N TYR C 244 -2.02 -28.37 -5.69
CA TYR C 244 -2.30 -27.16 -4.95
C TYR C 244 -2.62 -25.97 -5.81
N LEU C 245 -3.31 -25.04 -5.18
CA LEU C 245 -3.58 -23.77 -5.76
C LEU C 245 -3.24 -22.67 -4.76
N ILE C 246 -2.19 -21.93 -5.10
CA ILE C 246 -1.53 -21.04 -4.10
C ILE C 246 -1.28 -19.67 -4.73
N GLY C 247 -1.55 -18.64 -3.95
CA GLY C 247 -1.30 -17.26 -4.26
C GLY C 247 -0.11 -16.71 -3.50
N ILE C 248 0.81 -16.10 -4.25
CA ILE C 248 1.93 -15.39 -3.70
C ILE C 248 2.10 -13.91 -4.23
N HIS C 249 2.18 -12.97 -3.29
CA HIS C 249 2.43 -11.56 -3.58
C HIS C 249 3.76 -11.46 -4.23
N SER C 250 3.92 -10.56 -5.18
CA SER C 250 5.13 -10.51 -6.05
C SER C 250 6.45 -10.20 -5.33
N SER C 251 6.37 -9.57 -4.17
CA SER C 251 7.57 -9.31 -3.36
C SER C 251 8.13 -10.59 -2.72
N LEU C 252 7.42 -11.72 -2.83
CA LEU C 252 7.98 -13.01 -2.36
C LEU C 252 8.43 -14.04 -3.44
N ILE C 253 8.21 -13.78 -4.73
CA ILE C 253 8.36 -14.80 -5.74
C ILE C 253 9.85 -15.18 -5.93
N GLU C 254 10.77 -14.25 -5.71
CA GLU C 254 12.20 -14.62 -5.80
C GLU C 254 12.59 -15.62 -4.70
N ARG C 255 12.06 -15.40 -3.49
CA ARG C 255 12.35 -16.32 -2.39
C ARG C 255 11.83 -17.70 -2.70
N VAL C 256 10.59 -17.76 -3.19
CA VAL C 256 9.94 -18.99 -3.59
C VAL C 256 10.74 -19.69 -4.67
N LYS C 257 11.08 -18.96 -5.73
CA LYS C 257 11.92 -19.56 -6.79
C LYS C 257 13.28 -20.15 -6.36
N ASN C 258 13.94 -19.57 -5.35
CA ASN C 258 15.22 -20.11 -4.91
C ASN C 258 15.05 -21.52 -4.34
N LYS C 259 13.83 -21.91 -3.95
CA LYS C 259 13.57 -23.20 -3.32
C LYS C 259 13.54 -24.29 -4.37
N SER C 260 13.71 -25.54 -3.91
CA SER C 260 13.55 -26.73 -4.78
C SER C 260 12.06 -27.09 -4.87
N LEU C 261 11.46 -26.58 -5.96
CA LEU C 261 10.03 -26.73 -6.24
C LEU C 261 9.91 -27.87 -7.23
N GLU C 262 8.82 -28.61 -7.15
CA GLU C 262 8.56 -29.57 -8.23
C GLU C 262 8.02 -28.86 -9.47
N ASP C 263 7.67 -29.64 -10.49
CA ASP C 263 6.95 -29.11 -11.65
C ASP C 263 5.73 -28.30 -11.21
N VAL C 264 5.74 -27.02 -11.53
CA VAL C 264 4.78 -26.10 -11.04
C VAL C 264 4.32 -25.30 -12.23
N VAL C 265 3.07 -24.89 -12.20
CA VAL C 265 2.55 -24.02 -13.24
C VAL C 265 2.45 -22.65 -12.62
N MET C 266 3.16 -21.68 -13.20
CA MET C 266 3.21 -20.31 -12.69
C MET C 266 2.68 -19.30 -13.65
N LEU C 267 1.72 -18.53 -13.16
CA LEU C 267 1.11 -17.45 -13.87
C LEU C 267 1.42 -16.15 -13.13
N ASN C 268 2.27 -15.32 -13.74
CA ASN C 268 2.44 -13.98 -13.23
C ASN C 268 1.45 -13.02 -13.86
N VAL C 269 0.43 -12.67 -13.08
CA VAL C 269 -0.63 -11.78 -13.58
C VAL C 269 -0.21 -10.32 -13.84
N ASP C 270 0.86 -9.85 -13.22
CA ASP C 270 1.29 -8.48 -13.53
C ASP C 270 1.63 -8.38 -15.03
N THR C 271 2.09 -9.47 -15.62
CA THR C 271 2.62 -9.45 -16.99
C THR C 271 1.90 -10.43 -17.90
N ASN C 272 1.00 -11.23 -17.34
CA ASN C 272 0.34 -12.28 -18.10
C ASN C 272 1.37 -13.24 -18.74
N THR C 273 2.41 -13.55 -17.96
CA THR C 273 3.40 -14.59 -18.29
C THR C 273 3.09 -15.90 -17.54
N LEU C 274 2.94 -16.97 -18.33
CA LEU C 274 2.67 -18.30 -17.82
C LEU C 274 3.87 -19.16 -18.13
N GLU C 275 4.36 -19.88 -17.12
CA GLU C 275 5.31 -20.92 -17.38
C GLU C 275 4.88 -22.24 -16.78
N SER C 276 4.98 -23.26 -17.62
CA SER C 276 4.55 -24.59 -17.26
C SER C 276 5.36 -25.54 -18.08
N PRO C 277 5.92 -26.60 -17.47
CA PRO C 277 6.62 -27.63 -18.28
C PRO C 277 5.63 -28.57 -18.96
N PHE C 278 4.33 -28.36 -18.72
CA PHE C 278 3.30 -29.23 -19.26
C PHE C 278 2.69 -28.60 -20.48
N SER C 279 1.99 -29.41 -21.27
CA SER C 279 1.22 -28.89 -22.40
C SER C 279 -0.24 -29.32 -22.19
N ASP C 280 -0.82 -28.94 -21.04
CA ASP C 280 -2.13 -29.49 -20.62
C ASP C 280 -3.25 -29.01 -21.51
N LEU C 281 -3.21 -27.76 -21.91
CA LEU C 281 -4.24 -27.29 -22.81
C LEU C 281 -4.28 -28.07 -24.13
N ASN C 282 -3.12 -28.51 -24.65
CA ASN C 282 -3.10 -29.36 -25.87
C ASN C 282 -3.89 -30.64 -25.66
N ASN C 283 -4.03 -31.09 -24.41
CA ASN C 283 -4.73 -32.36 -24.13
C ASN C 283 -6.23 -32.22 -24.12
N LEU C 284 -6.74 -30.99 -24.12
CA LEU C 284 -8.17 -30.81 -24.14
C LEU C 284 -8.59 -30.86 -25.60
N PRO C 285 -9.75 -31.49 -25.91
CA PRO C 285 -10.27 -31.50 -27.29
C PRO C 285 -10.41 -30.09 -27.87
N SER C 286 -10.02 -29.93 -29.14
CA SER C 286 -9.95 -28.61 -29.79
C SER C 286 -11.30 -27.92 -29.97
N ASP C 287 -12.33 -28.68 -30.33
CA ASP C 287 -13.68 -28.12 -30.50
C ASP C 287 -14.17 -27.49 -29.20
N VAL C 288 -13.93 -28.13 -28.07
CA VAL C 288 -14.32 -27.56 -26.77
C VAL C 288 -13.59 -26.23 -26.49
N VAL C 289 -12.28 -26.23 -26.73
CA VAL C 289 -11.41 -25.09 -26.42
C VAL C 289 -11.69 -23.90 -27.35
N SER C 290 -11.89 -24.14 -28.64
CA SER C 290 -12.25 -23.08 -29.58
C SER C 290 -13.65 -22.52 -29.32
N ALA C 291 -14.60 -23.38 -28.94
CA ALA C 291 -15.94 -22.93 -28.52
C ALA C 291 -15.86 -22.07 -27.25
N LEU C 292 -15.10 -22.52 -26.27
CA LEU C 292 -14.93 -21.73 -25.04
C LEU C 292 -14.22 -20.40 -25.36
N LYS C 293 -13.10 -20.49 -26.07
CA LYS C 293 -12.32 -19.33 -26.46
C LYS C 293 -13.11 -18.33 -27.30
N ASN C 294 -13.85 -18.81 -28.30
CA ASN C 294 -14.62 -17.89 -29.14
C ASN C 294 -15.67 -17.12 -28.33
N LYS C 295 -16.27 -17.80 -27.34
CA LYS C 295 -17.30 -17.19 -26.52
C LYS C 295 -16.70 -16.14 -25.63
N LEU C 296 -15.53 -16.42 -25.06
CA LEU C 296 -14.89 -15.52 -24.07
C LEU C 296 -14.44 -14.20 -24.69
N LYS C 297 -14.07 -14.26 -25.97
CA LYS C 297 -13.66 -13.08 -26.71
C LYS C 297 -14.85 -12.25 -27.16
N LYS C 298 -16.07 -12.78 -27.06
CA LYS C 298 -17.25 -12.07 -27.63
C LYS C 298 -17.68 -10.95 -26.68
N GLN C 299 -17.80 -9.74 -27.20
CA GLN C 299 -18.18 -8.55 -26.43
C GLN C 299 -19.23 -8.90 -25.39
N SER C 300 -20.33 -9.48 -25.84
CA SER C 300 -21.53 -9.66 -25.01
C SER C 300 -21.35 -10.63 -23.86
N THR C 301 -20.47 -11.62 -24.04
CA THR C 301 -20.04 -12.53 -22.98
C THR C 301 -19.50 -11.82 -21.75
N ALA C 302 -18.95 -10.62 -21.94
CA ALA C 302 -18.29 -9.87 -20.85
C ALA C 302 -19.24 -9.30 -19.78
N THR C 303 -20.55 -9.40 -20.00
CA THR C 303 -21.58 -8.96 -19.04
C THR C 303 -22.46 -10.15 -18.60
N GLY C 304 -23.07 -10.04 -17.43
CA GLY C 304 -24.00 -11.05 -16.94
C GLY C 304 -23.31 -12.38 -16.71
N ASP C 305 -24.00 -13.47 -17.00
CA ASP C 305 -23.45 -14.78 -16.67
C ASP C 305 -22.66 -15.43 -17.80
N GLY C 306 -22.31 -14.67 -18.83
CA GLY C 306 -21.75 -15.23 -20.06
C GLY C 306 -20.48 -16.03 -19.82
N VAL C 307 -19.54 -15.43 -19.09
CA VAL C 307 -18.24 -16.08 -18.75
C VAL C 307 -18.44 -17.40 -17.98
N ALA C 308 -19.20 -17.35 -16.89
CA ALA C 308 -19.50 -18.55 -16.09
C ALA C 308 -20.26 -19.63 -16.93
N ARG C 309 -21.14 -19.18 -17.84
CA ARG C 309 -21.93 -20.06 -18.70
C ARG C 309 -21.02 -20.74 -19.72
N ALA C 310 -20.02 -20.00 -20.20
CA ALA C 310 -19.05 -20.53 -21.18
C ALA C 310 -18.22 -21.66 -20.57
N PHE C 311 -17.77 -21.44 -19.35
CA PHE C 311 -17.05 -22.52 -18.64
C PHE C 311 -17.97 -23.66 -18.23
N LEU C 312 -19.18 -23.34 -17.78
CA LEU C 312 -20.15 -24.39 -17.48
C LEU C 312 -20.35 -25.30 -18.70
N ARG C 313 -20.44 -24.70 -19.90
CA ARG C 313 -20.68 -25.47 -21.11
C ARG C 313 -19.46 -26.32 -21.48
N ALA C 314 -18.27 -25.83 -21.17
CA ALA C 314 -17.06 -26.60 -21.42
C ALA C 314 -16.99 -27.77 -20.46
N GLN C 315 -17.43 -27.58 -19.23
CA GLN C 315 -17.50 -28.68 -18.27
C GLN C 315 -18.49 -29.74 -18.75
N ALA C 316 -19.61 -29.30 -19.29
CA ALA C 316 -20.62 -30.23 -19.80
C ALA C 316 -20.09 -31.05 -20.96
N ALA C 317 -19.38 -30.40 -21.86
CA ALA C 317 -18.79 -31.08 -22.98
C ALA C 317 -17.70 -32.08 -22.55
N LEU C 318 -16.85 -31.69 -21.58
CA LEU C 318 -15.75 -32.57 -21.15
C LEU C 318 -16.21 -33.78 -20.30
N PHE C 319 -17.12 -33.50 -19.36
CA PHE C 319 -17.48 -34.46 -18.33
C PHE C 319 -18.92 -34.95 -18.41
N GLY C 320 -19.68 -34.43 -19.39
CA GLY C 320 -21.09 -34.67 -19.48
C GLY C 320 -21.45 -36.09 -19.80
N SER C 321 -20.56 -36.78 -20.49
CA SER C 321 -20.79 -38.18 -20.83
C SER C 321 -20.90 -39.06 -19.58
N TYR C 322 -20.52 -38.51 -18.42
CA TYR C 322 -20.66 -39.22 -17.15
C TYR C 322 -22.09 -39.76 -16.88
N ARG C 323 -23.10 -38.96 -17.20
CA ARG C 323 -24.50 -39.32 -16.96
C ARG C 323 -24.89 -40.64 -17.60
N ASP C 324 -24.20 -41.00 -18.67
CA ASP C 324 -24.50 -42.24 -19.40
C ASP C 324 -23.77 -43.43 -18.81
N ALA C 325 -23.14 -43.24 -17.64
CA ALA C 325 -22.58 -44.35 -16.86
C ALA C 325 -23.28 -44.52 -15.49
N LEU C 326 -24.30 -43.70 -15.20
CA LEU C 326 -25.30 -43.93 -14.13
C LEU C 326 -24.84 -43.43 -12.77
N ILE C 334 -27.15 -47.96 -6.95
CA ILE C 334 -26.77 -47.13 -8.09
C ILE C 334 -25.29 -46.68 -8.05
N THR C 335 -24.55 -46.95 -9.14
CA THR C 335 -23.07 -46.75 -9.21
C THR C 335 -22.57 -46.13 -10.53
N PHE C 336 -21.30 -45.76 -10.53
CA PHE C 336 -20.64 -45.21 -11.70
C PHE C 336 -19.67 -46.23 -12.26
N CYS C 337 -19.79 -46.52 -13.55
CA CYS C 337 -18.86 -47.45 -14.23
C CYS C 337 -17.71 -46.66 -14.86
N GLU C 338 -16.51 -46.85 -14.32
CA GLU C 338 -15.34 -46.12 -14.82
C GLU C 338 -14.95 -46.55 -16.22
N GLU C 339 -15.11 -47.85 -16.55
CA GLU C 339 -14.71 -48.35 -17.86
C GLU C 339 -15.70 -48.07 -18.98
N SER C 340 -16.96 -47.75 -18.64
CA SER C 340 -17.91 -47.30 -19.67
C SER C 340 -17.73 -45.80 -19.98
N PHE C 341 -17.36 -45.03 -18.95
CA PHE C 341 -17.11 -43.59 -19.06
C PHE C 341 -15.82 -43.31 -19.85
N VAL C 342 -14.78 -44.07 -19.55
CA VAL C 342 -13.48 -43.92 -20.21
C VAL C 342 -13.45 -44.49 -21.66
N LYS C 343 -14.51 -45.18 -22.09
CA LYS C 343 -14.58 -45.70 -23.45
C LYS C 343 -15.26 -44.72 -24.42
N HIS C 344 -14.46 -43.83 -25.00
CA HIS C 344 -14.89 -42.94 -26.08
C HIS C 344 -14.18 -43.35 -27.38
N ARG C 345 -14.68 -42.94 -28.54
CA ARG C 345 -14.05 -43.31 -29.82
C ARG C 345 -12.77 -42.50 -30.15
N SER C 346 -12.80 -41.19 -29.93
CA SER C 346 -11.67 -40.30 -30.26
C SER C 346 -10.50 -40.47 -29.28
N SER C 347 -9.30 -40.64 -29.81
CA SER C 347 -8.11 -40.89 -29.01
C SER C 347 -7.80 -39.73 -28.06
N VAL C 348 -8.04 -38.49 -28.52
CA VAL C 348 -7.77 -37.31 -27.68
C VAL C 348 -8.73 -37.28 -26.48
N MET C 349 -10.00 -37.61 -26.71
CA MET C 349 -11.03 -37.61 -25.65
C MET C 349 -10.90 -38.83 -24.72
N LYS C 350 -10.69 -40.02 -25.28
CA LYS C 350 -10.41 -41.19 -24.45
C LYS C 350 -9.24 -40.89 -23.46
N GLN C 351 -8.12 -40.41 -24.01
CA GLN C 351 -6.93 -40.07 -23.23
C GLN C 351 -7.20 -39.06 -22.13
N PHE C 352 -8.06 -38.09 -22.44
CA PHE C 352 -8.49 -37.16 -21.42
C PHE C 352 -9.35 -37.80 -20.35
N LEU C 353 -10.32 -38.62 -20.76
CA LEU C 353 -11.22 -39.22 -19.79
C LEU C 353 -10.45 -40.15 -18.84
N GLU C 354 -9.45 -40.86 -19.38
CA GLU C 354 -8.60 -41.73 -18.58
C GLU C 354 -7.80 -40.96 -17.54
N THR C 355 -7.51 -39.69 -17.79
CA THR C 355 -6.87 -38.85 -16.77
C THR C 355 -7.90 -38.19 -15.91
N ALA C 356 -9.08 -37.89 -16.46
CA ALA C 356 -10.12 -37.23 -15.69
C ALA C 356 -10.55 -38.10 -14.53
N ILE C 357 -10.58 -39.40 -14.77
CA ILE C 357 -11.01 -40.36 -13.74
C ILE C 357 -10.08 -40.41 -12.51
N ASN C 358 -8.83 -39.96 -12.67
CA ASN C 358 -7.91 -39.75 -11.55
C ASN C 358 -7.86 -38.35 -10.92
N LEU C 359 -8.83 -37.49 -11.23
CA LEU C 359 -8.94 -36.17 -10.57
C LEU C 359 -9.73 -36.29 -9.28
N GLN C 360 -9.17 -35.82 -8.17
CA GLN C 360 -9.97 -35.72 -6.94
C GLN C 360 -11.23 -34.88 -7.16
N LEU C 361 -11.11 -33.72 -7.83
CA LEU C 361 -12.29 -32.85 -8.13
C LEU C 361 -13.45 -33.59 -8.87
N PHE C 362 -13.09 -34.50 -9.77
CA PHE C 362 -14.08 -35.28 -10.47
C PHE C 362 -14.60 -36.37 -9.58
N LYS C 363 -13.71 -37.00 -8.81
CA LYS C 363 -14.08 -38.04 -7.86
C LYS C 363 -15.09 -37.56 -6.84
N GLN C 364 -14.88 -36.40 -6.23
CA GLN C 364 -15.81 -35.88 -5.21
C GLN C 364 -17.16 -35.52 -5.80
N PHE C 365 -17.15 -34.97 -7.02
CA PHE C 365 -18.36 -34.69 -7.75
C PHE C 365 -19.21 -35.93 -7.96
N ILE C 366 -18.60 -36.96 -8.54
CA ILE C 366 -19.32 -38.23 -8.80
C ILE C 366 -19.81 -38.90 -7.51
N ASP C 367 -18.95 -38.97 -6.49
CA ASP C 367 -19.35 -39.57 -5.22
C ASP C 367 -20.41 -38.76 -4.53
N GLY C 368 -20.35 -37.44 -4.65
CA GLY C 368 -21.41 -36.60 -4.11
C GLY C 368 -22.73 -36.82 -4.84
N ARG C 369 -22.65 -36.99 -6.16
CA ARG C 369 -23.85 -37.28 -6.95
C ARG C 369 -24.42 -38.68 -6.70
N LEU C 370 -23.56 -39.66 -6.45
CA LEU C 370 -24.02 -40.99 -6.03
C LEU C 370 -24.65 -41.00 -4.64
N ALA C 371 -24.23 -40.09 -3.78
CA ALA C 371 -24.77 -40.04 -2.43
C ALA C 371 -26.20 -39.48 -2.44
N LYS C 372 -26.41 -38.42 -3.22
CA LYS C 372 -27.68 -37.70 -3.28
C LYS C 372 -28.73 -38.43 -4.12
N LEU C 373 -28.28 -39.13 -5.17
CA LEU C 373 -29.15 -40.02 -5.94
C LEU C 373 -29.88 -41.06 -5.07
N ASN C 374 -29.53 -41.15 -3.79
CA ASN C 374 -30.30 -41.94 -2.82
C ASN C 374 -30.77 -41.08 -1.64
N ASP D 5 23.42 -30.46 2.64
CA ASP D 5 24.47 -31.18 3.43
C ASP D 5 24.35 -32.70 3.24
N TYR D 6 23.11 -33.16 3.31
CA TYR D 6 22.70 -34.58 3.23
C TYR D 6 22.99 -35.26 1.88
N ASP D 7 22.77 -36.57 1.86
CA ASP D 7 23.07 -37.45 0.70
C ASP D 7 21.85 -37.83 -0.16
N HIS D 8 20.73 -38.13 0.49
CA HIS D 8 19.46 -38.46 -0.18
C HIS D 8 18.31 -37.69 0.45
N LEU D 9 17.29 -37.39 -0.36
CA LEU D 9 16.05 -36.71 0.07
C LEU D 9 14.86 -37.52 -0.42
N PHE D 10 13.88 -37.68 0.45
CA PHE D 10 12.68 -38.46 0.13
C PHE D 10 11.51 -37.68 0.68
N LYS D 11 10.41 -37.73 -0.04
CA LYS D 11 9.16 -37.08 0.30
C LYS D 11 8.15 -38.16 0.61
N LEU D 12 7.54 -38.10 1.77
CA LEU D 12 6.51 -39.09 2.13
C LEU D 12 5.20 -38.38 2.33
N LEU D 13 4.11 -39.16 2.18
CA LEU D 13 2.76 -38.72 2.52
C LEU D 13 2.26 -39.52 3.70
N ILE D 14 1.53 -38.91 4.61
CA ILE D 14 0.75 -39.68 5.58
C ILE D 14 -0.67 -39.49 5.20
N ILE D 15 -1.41 -40.60 5.08
CA ILE D 15 -2.82 -40.55 4.84
C ILE D 15 -3.60 -41.31 5.91
N GLY D 16 -4.80 -40.80 6.20
CA GLY D 16 -5.75 -41.47 7.09
C GLY D 16 -6.85 -40.52 7.55
N ASP D 17 -7.95 -41.07 8.06
CA ASP D 17 -9.03 -40.26 8.59
C ASP D 17 -8.46 -39.34 9.67
N SER D 18 -9.10 -38.19 9.86
CA SER D 18 -8.81 -37.32 11.02
C SER D 18 -9.24 -38.12 12.21
N GLY D 19 -8.60 -37.90 13.34
CA GLY D 19 -8.92 -38.74 14.50
C GLY D 19 -8.15 -40.07 14.58
N VAL D 20 -7.21 -40.34 13.68
CA VAL D 20 -6.44 -41.58 13.81
C VAL D 20 -5.07 -41.37 14.46
N GLY D 21 -4.70 -40.11 14.71
CA GLY D 21 -3.44 -39.74 15.41
C GLY D 21 -2.34 -39.40 14.46
N LYS D 22 -2.73 -39.03 13.26
CA LYS D 22 -1.70 -38.67 12.32
C LYS D 22 -0.77 -37.59 12.85
N SER D 23 -1.30 -36.62 13.59
CA SER D 23 -0.49 -35.48 14.02
C SER D 23 0.40 -35.91 15.17
N SER D 24 -0.10 -36.78 16.04
CA SER D 24 0.78 -37.37 17.05
C SER D 24 1.96 -38.15 16.45
N LEU D 25 1.70 -38.95 15.42
CA LEU D 25 2.75 -39.62 14.71
C LEU D 25 3.71 -38.61 14.04
N LEU D 26 3.15 -37.51 13.55
CA LEU D 26 4.01 -36.51 12.89
C LEU D 26 4.95 -35.90 13.93
N LEU D 27 4.47 -35.74 15.17
CA LEU D 27 5.31 -35.26 16.25
C LEU D 27 6.41 -36.27 16.62
N ARG D 28 6.15 -37.56 16.50
CA ARG D 28 7.17 -38.58 16.76
C ARG D 28 8.16 -38.62 15.65
N PHE D 29 7.71 -38.26 14.46
CA PHE D 29 8.52 -38.34 13.25
C PHE D 29 9.57 -37.26 13.20
N ALA D 30 9.15 -36.04 13.51
CA ALA D 30 9.97 -34.84 13.34
C ALA D 30 11.19 -34.86 14.22
N ASP D 31 12.32 -34.39 13.66
CA ASP D 31 13.52 -34.04 14.44
C ASP D 31 13.30 -32.97 15.51
N ASN D 32 12.73 -31.84 15.10
CA ASN D 32 12.56 -30.70 15.99
C ASN D 32 11.15 -30.70 16.56
N THR D 33 11.03 -30.58 17.89
CA THR D 33 9.72 -30.45 18.61
C THR D 33 8.98 -29.13 18.28
N PHE D 34 9.75 -28.05 18.08
CA PHE D 34 9.26 -26.79 17.49
C PHE D 34 9.14 -26.96 15.96
N GLY D 36 5.22 -26.50 15.85
CA GLY D 36 3.75 -26.49 15.79
C GLY D 36 3.17 -26.73 14.41
N SER D 37 1.92 -27.14 14.40
CA SER D 37 1.24 -27.72 13.25
C SER D 37 0.41 -26.70 12.45
N TYR D 38 0.43 -26.79 11.12
CA TYR D 38 -0.37 -25.88 10.28
C TYR D 38 -1.57 -26.53 9.64
N ILE D 39 -1.86 -27.75 10.05
CA ILE D 39 -2.96 -28.50 9.53
C ILE D 39 -4.31 -27.78 9.71
N THR D 40 -4.48 -26.99 10.76
CA THR D 40 -5.76 -26.31 10.99
C THR D 40 -5.67 -24.82 10.58
N THR D 41 -4.63 -24.45 9.87
CA THR D 41 -4.39 -23.08 9.41
C THR D 41 -4.50 -23.01 7.89
N ILE D 42 -3.74 -23.85 7.20
CA ILE D 42 -3.77 -23.94 5.75
C ILE D 42 -4.07 -25.33 5.23
N GLY D 43 -4.58 -26.21 6.10
CA GLY D 43 -5.00 -27.55 5.66
C GLY D 43 -3.89 -28.47 5.19
N VAL D 44 -2.64 -28.15 5.53
CA VAL D 44 -1.46 -28.91 5.15
C VAL D 44 -0.41 -28.77 6.25
N ASP D 45 0.44 -29.78 6.42
CA ASP D 45 1.58 -29.70 7.32
C ASP D 45 2.72 -30.58 6.78
N PHE D 46 3.93 -30.22 7.12
CA PHE D 46 5.04 -31.12 6.78
C PHE D 46 6.02 -31.19 7.90
N LYS D 47 6.66 -32.35 8.10
CA LYS D 47 7.67 -32.47 9.18
C LYS D 47 8.90 -33.08 8.59
N ILE D 48 10.04 -32.81 9.24
CA ILE D 48 11.35 -33.21 8.71
C ILE D 48 12.02 -34.19 9.68
N ARG D 49 12.52 -35.29 9.12
CA ARG D 49 13.22 -36.29 9.89
C ARG D 49 14.51 -36.50 9.15
N THR D 50 15.62 -36.48 9.89
CA THR D 50 16.94 -36.81 9.33
C THR D 50 17.39 -38.15 9.94
N VAL D 51 17.94 -39.04 9.13
CA VAL D 51 18.44 -40.32 9.65
C VAL D 51 19.63 -40.76 8.83
N GLU D 52 20.57 -41.48 9.47
CA GLU D 52 21.72 -42.09 8.77
C GLU D 52 21.55 -43.62 8.63
N ILE D 53 21.27 -44.08 7.42
CA ILE D 53 21.22 -45.53 7.14
C ILE D 53 22.43 -45.97 6.40
N ASN D 54 23.28 -46.74 7.08
CA ASN D 54 24.56 -47.21 6.56
C ASN D 54 25.53 -46.12 6.12
N GLY D 55 25.65 -45.07 6.94
CA GLY D 55 26.69 -44.01 6.74
C GLY D 55 26.19 -42.87 5.90
N GLU D 56 25.12 -43.17 5.15
CA GLU D 56 24.39 -42.20 4.32
C GLU D 56 23.42 -41.27 5.07
N LYS D 57 23.60 -39.97 4.85
CA LYS D 57 22.66 -38.97 5.39
C LYS D 57 21.36 -38.92 4.58
N VAL D 58 20.24 -39.10 5.27
CA VAL D 58 18.97 -39.05 4.62
C VAL D 58 18.03 -38.06 5.31
N LYS D 59 17.40 -37.22 4.52
CA LYS D 59 16.40 -36.29 5.01
C LYS D 59 15.04 -36.73 4.45
N LEU D 60 14.05 -36.94 5.33
CA LEU D 60 12.70 -37.25 4.92
C LEU D 60 11.80 -36.05 5.23
N GLN D 61 10.97 -35.66 4.28
CA GLN D 61 9.93 -34.72 4.61
C GLN D 61 8.58 -35.40 4.47
N ILE D 62 7.72 -35.33 5.48
CA ILE D 62 6.44 -35.99 5.34
C ILE D 62 5.30 -34.97 5.33
N TRP D 63 4.31 -35.20 4.47
CA TRP D 63 3.21 -34.23 4.26
C TRP D 63 1.88 -34.82 4.65
N ASP D 64 1.09 -34.05 5.34
CA ASP D 64 -0.29 -34.41 5.68
C ASP D 64 -1.23 -33.32 5.20
N THR D 65 -2.53 -33.67 4.98
CA THR D 65 -3.52 -32.63 4.63
C THR D 65 -4.76 -32.88 5.45
N ALA D 66 -5.61 -31.88 5.53
CA ALA D 66 -6.85 -31.93 6.37
C ALA D 66 -7.94 -32.71 5.67
N GLY D 67 -8.84 -33.22 6.48
CA GLY D 67 -10.11 -33.78 6.05
C GLY D 67 -10.01 -34.89 5.04
N GLN D 68 -8.96 -35.71 5.09
CA GLN D 68 -8.81 -36.80 4.13
C GLN D 68 -9.94 -37.83 4.25
N GLU D 69 -10.62 -37.90 5.39
CA GLU D 69 -11.68 -38.86 5.55
C GLU D 69 -12.87 -38.65 4.60
N ARG D 70 -12.99 -37.45 4.03
CA ARG D 70 -14.11 -37.21 3.11
C ARG D 70 -13.85 -37.82 1.75
N PHE D 71 -12.61 -38.20 1.48
CA PHE D 71 -12.28 -38.87 0.25
C PHE D 71 -12.61 -40.37 0.37
N ARG D 72 -13.68 -40.81 -0.28
CA ARG D 72 -13.96 -42.23 -0.41
C ARG D 72 -12.76 -42.91 -1.07
N THR D 73 -12.21 -42.29 -2.11
CA THR D 73 -10.99 -42.76 -2.72
C THR D 73 -10.04 -41.58 -3.04
N ILE D 74 -8.82 -41.64 -2.53
CA ILE D 74 -7.82 -40.67 -2.81
C ILE D 74 -7.16 -41.05 -4.16
N THR D 75 -7.17 -40.13 -5.13
CA THR D 75 -6.89 -40.50 -6.53
C THR D 75 -5.40 -40.40 -6.84
N SER D 76 -5.00 -40.84 -8.02
CA SER D 76 -3.57 -40.89 -8.34
C SER D 76 -2.85 -39.53 -8.35
N THR D 77 -3.57 -38.43 -8.59
CA THR D 77 -2.90 -37.14 -8.71
C THR D 77 -2.22 -36.78 -7.40
N TYR D 78 -2.76 -37.28 -6.31
CA TYR D 78 -2.31 -36.92 -5.01
C TYR D 78 -0.87 -37.30 -4.75
N TYR D 79 -0.42 -38.36 -5.40
CA TYR D 79 0.86 -39.01 -5.10
C TYR D 79 1.96 -38.61 -6.04
N ARG D 80 1.70 -37.71 -6.99
CA ARG D 80 2.81 -37.44 -7.92
C ARG D 80 3.95 -36.80 -7.13
N GLY D 81 5.17 -37.15 -7.51
CA GLY D 81 6.35 -36.63 -6.85
C GLY D 81 6.70 -37.29 -5.54
N THR D 82 5.87 -38.21 -5.06
CA THR D 82 6.05 -38.78 -3.75
C THR D 82 6.75 -40.13 -3.93
N HIS D 83 7.64 -40.40 -2.96
CA HIS D 83 8.40 -41.68 -2.89
C HIS D 83 7.65 -42.72 -2.06
N GLY D 84 7.03 -42.30 -0.98
CA GLY D 84 6.46 -43.29 -0.07
C GLY D 84 5.31 -42.77 0.73
N VAL D 85 4.45 -43.67 1.17
CA VAL D 85 3.21 -43.33 1.82
C VAL D 85 3.01 -44.17 3.07
N ILE D 86 2.55 -43.54 4.13
CA ILE D 86 2.16 -44.22 5.34
C ILE D 86 0.65 -44.15 5.50
N VAL D 87 -0.01 -45.27 5.19
CA VAL D 87 -1.44 -45.32 5.23
C VAL D 87 -1.95 -45.78 6.60
N VAL D 88 -2.62 -44.90 7.32
CA VAL D 88 -2.86 -45.10 8.76
C VAL D 88 -4.34 -45.26 9.03
N TYR D 89 -4.69 -46.34 9.72
CA TYR D 89 -6.03 -46.49 10.24
C TYR D 89 -5.92 -46.53 11.76
N ASP D 90 -7.06 -46.54 12.40
CA ASP D 90 -7.22 -46.53 13.85
C ASP D 90 -7.84 -47.87 14.22
N VAL D 91 -7.15 -48.63 15.06
CA VAL D 91 -7.55 -49.99 15.34
C VAL D 91 -8.88 -50.09 16.09
N THR D 92 -9.34 -48.95 16.66
CA THR D 92 -10.61 -48.83 17.39
C THR D 92 -11.78 -48.32 16.50
N SER D 93 -11.57 -48.20 15.19
CA SER D 93 -12.57 -47.69 14.24
C SER D 93 -12.57 -48.49 12.93
N ALA D 94 -13.60 -49.34 12.74
CA ALA D 94 -13.75 -50.22 11.57
C ALA D 94 -13.85 -49.42 10.26
N GLU D 95 -14.59 -48.30 10.31
CA GLU D 95 -14.71 -47.41 9.15
C GLU D 95 -13.32 -46.90 8.62
N SER D 96 -12.42 -46.54 9.53
CA SER D 96 -11.07 -46.06 9.10
C SER D 96 -10.34 -47.14 8.32
N PHE D 97 -10.56 -48.39 8.69
CA PHE D 97 -9.92 -49.48 7.98
C PHE D 97 -10.44 -49.68 6.54
N VAL D 98 -11.77 -49.76 6.38
CA VAL D 98 -12.43 -49.91 5.07
C VAL D 98 -11.97 -48.87 4.07
N ASN D 99 -11.85 -47.62 4.50
CA ASN D 99 -11.35 -46.57 3.63
C ASN D 99 -9.94 -46.86 3.18
N VAL D 100 -9.13 -47.34 4.12
CA VAL D 100 -7.72 -47.51 3.85
C VAL D 100 -7.54 -48.62 2.77
N LYS D 101 -8.39 -49.63 2.83
CA LYS D 101 -8.41 -50.68 1.81
C LYS D 101 -8.69 -50.11 0.41
N ARG D 102 -9.70 -49.25 0.31
CA ARG D 102 -10.00 -48.60 -0.96
C ARG D 102 -8.78 -47.82 -1.44
N TRP D 103 -8.13 -47.09 -0.53
CA TRP D 103 -7.06 -46.24 -0.95
C TRP D 103 -5.89 -47.09 -1.46
N LEU D 104 -5.52 -48.14 -0.70
CA LEU D 104 -4.46 -49.03 -1.10
C LEU D 104 -4.75 -49.80 -2.38
N HIS D 105 -6.03 -50.07 -2.64
CA HIS D 105 -6.44 -50.61 -3.94
C HIS D 105 -6.18 -49.64 -5.11
N GLU D 106 -6.53 -48.36 -4.93
CA GLU D 106 -6.28 -47.34 -5.95
C GLU D 106 -4.76 -47.17 -6.15
N ILE D 107 -4.00 -47.21 -5.05
CA ILE D 107 -2.53 -47.12 -5.13
C ILE D 107 -1.97 -48.29 -5.93
N ASN D 108 -2.40 -49.49 -5.56
CA ASN D 108 -2.03 -50.74 -6.26
C ASN D 108 -2.33 -50.69 -7.75
N GLN D 109 -3.52 -50.21 -8.10
CA GLN D 109 -3.95 -50.12 -9.50
C GLN D 109 -3.28 -48.97 -10.26
N ASN D 110 -3.15 -47.80 -9.65
CA ASN D 110 -2.74 -46.58 -10.38
C ASN D 110 -1.35 -46.00 -10.00
N CYS D 111 -0.73 -46.46 -8.92
CA CYS D 111 0.57 -45.91 -8.49
C CYS D 111 1.54 -46.93 -7.92
N ASP D 112 1.57 -48.11 -8.50
CA ASP D 112 2.26 -49.20 -7.85
C ASP D 112 3.77 -48.92 -7.64
N ASP D 113 4.32 -47.87 -8.28
CA ASP D 113 5.73 -47.46 -8.12
C ASP D 113 5.99 -46.80 -6.79
N VAL D 114 4.93 -46.43 -6.07
CA VAL D 114 5.09 -45.79 -4.78
C VAL D 114 5.26 -46.89 -3.76
N CYS D 115 6.19 -46.74 -2.82
CA CYS D 115 6.24 -47.62 -1.65
C CYS D 115 5.11 -47.20 -0.66
N ARG D 116 4.47 -48.15 -0.04
CA ARG D 116 3.46 -47.86 0.96
C ARG D 116 3.50 -48.95 2.04
N ILE D 117 3.20 -48.56 3.27
CA ILE D 117 3.05 -49.48 4.37
C ILE D 117 1.72 -49.16 5.03
N LEU D 118 1.12 -50.14 5.69
CA LEU D 118 -0.17 -49.97 6.40
C LEU D 118 0.11 -49.87 7.87
N VAL D 119 -0.64 -49.05 8.59
CA VAL D 119 -0.30 -48.79 9.99
C VAL D 119 -1.55 -48.69 10.77
N GLY D 120 -1.69 -49.57 11.77
CA GLY D 120 -2.78 -49.52 12.70
C GLY D 120 -2.35 -48.81 13.96
N ASN D 121 -2.84 -47.57 14.11
CA ASN D 121 -2.50 -46.73 15.26
C ASN D 121 -3.53 -46.90 16.36
N LYS D 122 -3.23 -46.34 17.53
CA LYS D 122 -4.04 -46.41 18.75
C LYS D 122 -4.18 -47.86 19.25
N ASN D 123 -3.14 -48.64 19.03
CA ASN D 123 -3.06 -49.99 19.61
C ASN D 123 -2.76 -49.87 21.11
N ASP D 124 -3.67 -49.19 21.83
CA ASP D 124 -3.48 -48.83 23.25
C ASP D 124 -4.59 -49.30 24.17
N ASP D 125 -5.82 -49.28 23.67
CA ASP D 125 -6.97 -49.68 24.47
C ASP D 125 -7.57 -50.98 23.96
N PRO D 126 -7.21 -52.11 24.60
CA PRO D 126 -7.79 -53.42 24.25
C PRO D 126 -9.31 -53.49 24.39
N GLU D 127 -9.86 -52.80 25.38
CA GLU D 127 -11.31 -52.75 25.55
C GLU D 127 -12.01 -51.95 24.43
N ARG D 128 -11.27 -51.17 23.64
CA ARG D 128 -11.91 -50.42 22.54
C ARG D 128 -11.54 -50.91 21.11
N LYS D 129 -10.69 -51.94 20.99
CA LYS D 129 -10.16 -52.36 19.66
C LYS D 129 -11.17 -53.17 18.84
N VAL D 130 -11.22 -52.92 17.52
CA VAL D 130 -12.16 -53.60 16.61
C VAL D 130 -11.52 -54.29 15.40
N VAL D 131 -10.46 -53.70 14.85
CA VAL D 131 -9.79 -54.32 13.69
C VAL D 131 -8.80 -55.39 14.16
N GLU D 132 -9.19 -56.68 14.07
CA GLU D 132 -8.33 -57.77 14.54
C GLU D 132 -7.04 -57.85 13.71
N THR D 133 -5.96 -58.30 14.34
CA THR D 133 -4.63 -58.26 13.73
C THR D 133 -4.52 -59.14 12.46
N GLU D 134 -5.05 -60.35 12.55
CA GLU D 134 -5.04 -61.27 11.40
C GLU D 134 -5.78 -60.68 10.16
N ASP D 135 -6.85 -59.91 10.39
CA ASP D 135 -7.54 -59.25 9.27
C ASP D 135 -6.62 -58.29 8.50
N ALA D 136 -6.06 -57.33 9.22
CA ALA D 136 -5.17 -56.33 8.63
C ALA D 136 -3.95 -56.96 8.00
N TYR D 137 -3.40 -57.96 8.70
CA TYR D 137 -2.30 -58.77 8.20
C TYR D 137 -2.63 -59.53 6.91
N LYS D 138 -3.88 -59.96 6.77
CA LYS D 138 -4.28 -60.74 5.58
C LYS D 138 -4.39 -59.81 4.37
N PHE D 139 -4.96 -58.62 4.61
CA PHE D 139 -5.02 -57.58 3.58
C PHE D 139 -3.61 -57.09 3.21
N ALA D 140 -2.81 -56.82 4.24
CA ALA D 140 -1.42 -56.47 4.01
C ALA D 140 -0.76 -57.53 3.13
N GLY D 141 -0.98 -58.79 3.47
CA GLY D 141 -0.49 -59.93 2.72
C GLY D 141 -0.89 -59.91 1.24
N GLN D 142 -2.15 -59.62 0.95
CA GLN D 142 -2.59 -59.68 -0.45
C GLN D 142 -2.22 -58.44 -1.28
N MET D 143 -1.92 -57.32 -0.62
CA MET D 143 -1.36 -56.16 -1.31
C MET D 143 0.15 -56.23 -1.40
N GLY D 144 0.75 -57.29 -0.88
CA GLY D 144 2.20 -57.43 -0.93
C GLY D 144 2.89 -56.34 -0.14
N ILE D 145 2.28 -55.88 0.94
CA ILE D 145 2.85 -54.81 1.75
C ILE D 145 3.00 -55.21 3.21
N GLN D 146 3.91 -54.52 3.90
CA GLN D 146 4.18 -54.77 5.32
C GLN D 146 3.24 -53.95 6.20
N LEU D 147 2.90 -54.49 7.37
CA LEU D 147 1.98 -53.86 8.30
C LEU D 147 2.62 -53.63 9.69
N PHE D 148 2.32 -52.48 10.30
CA PHE D 148 2.71 -52.19 11.69
C PHE D 148 1.53 -51.72 12.53
N GLU D 149 1.43 -52.27 13.73
CA GLU D 149 0.51 -51.77 14.73
C GLU D 149 1.33 -51.00 15.74
N THR D 150 0.84 -49.80 16.03
CA THR D 150 1.60 -48.82 16.78
C THR D 150 0.72 -48.11 17.76
N SER D 151 1.37 -47.47 18.72
CA SER D 151 0.76 -46.48 19.58
C SER D 151 1.59 -45.22 19.60
N ALA D 152 1.09 -44.17 18.97
CA ALA D 152 1.74 -42.86 19.04
C ALA D 152 1.73 -42.31 20.46
N LYS D 153 0.68 -42.66 21.19
CA LYS D 153 0.53 -42.23 22.59
C LYS D 153 1.66 -42.79 23.48
N GLU D 154 1.81 -44.11 23.50
CA GLU D 154 2.79 -44.78 24.36
C GLU D 154 4.17 -44.78 23.72
N ASN D 155 4.21 -44.45 22.43
CA ASN D 155 5.43 -44.57 21.63
C ASN D 155 5.90 -46.02 21.46
N VAL D 156 5.05 -46.87 20.91
CA VAL D 156 5.35 -48.29 20.72
C VAL D 156 5.35 -48.65 19.23
N ASN D 157 6.42 -49.25 18.74
CA ASN D 157 6.49 -49.77 17.37
C ASN D 157 6.54 -48.66 16.31
N VAL D 158 6.54 -47.40 16.77
CA VAL D 158 6.51 -46.25 15.89
C VAL D 158 7.85 -46.06 15.15
N GLU D 159 8.98 -46.11 15.88
CA GLU D 159 10.32 -46.07 15.26
C GLU D 159 10.52 -47.18 14.23
N GLU D 160 10.17 -48.40 14.63
CA GLU D 160 10.25 -49.55 13.74
C GLU D 160 9.50 -49.24 12.42
N MET D 161 8.29 -48.69 12.57
CA MET D 161 7.44 -48.36 11.43
C MET D 161 8.08 -47.33 10.51
N PHE D 162 8.61 -46.26 11.09
CA PHE D 162 9.33 -45.23 10.33
C PHE D 162 10.57 -45.73 9.65
N ASN D 163 11.33 -46.57 10.33
CA ASN D 163 12.55 -47.08 9.76
C ASN D 163 12.31 -48.02 8.56
N CYS D 164 11.16 -48.69 8.57
CA CYS D 164 10.71 -49.53 7.44
C CYS D 164 10.47 -48.76 6.14
N ILE D 165 9.53 -47.80 6.17
CA ILE D 165 9.23 -46.91 5.01
C ILE D 165 10.51 -46.23 4.49
N THR D 166 11.36 -45.81 5.43
CA THR D 166 12.61 -45.15 5.10
C THR D 166 13.52 -46.08 4.33
N GLU D 167 13.62 -47.34 4.81
CA GLU D 167 14.48 -48.34 4.17
C GLU D 167 13.91 -48.77 2.81
N LEU D 168 12.60 -48.91 2.76
CA LEU D 168 11.87 -49.22 1.52
C LEU D 168 12.14 -48.20 0.43
N VAL D 169 12.10 -46.91 0.81
CA VAL D 169 12.30 -45.87 -0.15
C VAL D 169 13.73 -45.83 -0.60
N LEU D 170 14.66 -45.99 0.35
CA LEU D 170 16.10 -45.96 0.00
C LEU D 170 16.45 -47.09 -0.99
N ARG D 171 15.79 -48.24 -0.84
CA ARG D 171 16.09 -49.41 -1.69
C ARG D 171 15.47 -49.32 -3.06
N ALA D 172 14.25 -48.80 -3.16
CA ALA D 172 13.65 -48.56 -4.49
C ALA D 172 14.58 -47.66 -5.33
N LYS D 173 15.09 -46.60 -4.70
CA LYS D 173 15.99 -45.64 -5.35
C LYS D 173 17.24 -46.33 -5.85
N LYS D 174 17.88 -47.14 -4.99
CA LYS D 174 19.13 -47.82 -5.40
C LYS D 174 18.86 -49.01 -6.33
N ASP D 175 17.68 -49.61 -6.19
CA ASP D 175 17.24 -50.62 -7.15
C ASP D 175 16.81 -50.03 -8.50
N ASN D 176 16.53 -48.74 -8.55
CA ASN D 176 16.30 -48.07 -9.82
C ASN D 176 17.64 -47.73 -10.47
N LEU D 177 18.55 -47.16 -9.69
CA LEU D 177 19.86 -46.76 -10.21
C LEU D 177 20.52 -47.70 -11.24
N ALA D 178 20.37 -49.03 -11.15
CA ALA D 178 20.89 -49.95 -12.19
C ALA D 178 20.11 -51.26 -12.24
#